data_4E0E
#
_entry.id   4E0E
#
_cell.length_a   35.880
_cell.length_b   146.470
_cell.length_c   72.370
_cell.angle_alpha   90.000
_cell.angle_beta   99.710
_cell.angle_gamma   90.000
#
_symmetry.space_group_name_H-M   'P 1 21 1'
#
_entity_poly.entity_id   1
_entity_poly.type   'polypeptide(L)'
_entity_poly.pdbx_seq_one_letter_code
;GAQQLTPPAGTFRLGISKGTDSHWLAPQEKVKGIAFRWKALPDTRGFILEVAVTSLQQADTLFWSFGNCQPD(MSE)DIN
VFSVEGQAFTCYYGES(MSE)KLRTLQAVTPTDDIRLSNGRQDKTPLLLYESGKRTDRPVLAGRCPLAANSKLYFCFYEQ
NARADYNYF(MSE)LPDLFAKIDESKHSKK
;
_entity_poly.pdbx_strand_id   A,B,C,D
#
# COMPACT_ATOMS: atom_id res chain seq x y z
N ALA A 2 -45.95 5.85 2.71
CA ALA A 2 -46.62 5.14 3.82
C ALA A 2 -45.86 3.85 4.22
N GLN A 3 -45.66 2.95 3.22
CA GLN A 3 -44.93 1.69 3.32
C GLN A 3 -43.44 1.94 3.02
N GLN A 4 -42.52 1.32 3.80
CA GLN A 4 -41.06 1.47 3.67
C GLN A 4 -40.55 1.08 2.27
N LEU A 5 -39.71 1.93 1.71
CA LEU A 5 -39.11 1.70 0.40
C LEU A 5 -37.63 1.36 0.60
N THR A 6 -37.04 0.74 -0.42
CA THR A 6 -35.66 0.26 -0.33
C THR A 6 -34.72 1.01 -1.33
N PRO A 7 -33.41 1.25 -0.98
CA PRO A 7 -32.53 1.90 -1.96
C PRO A 7 -32.24 1.01 -3.17
N PRO A 8 -31.76 1.58 -4.31
CA PRO A 8 -31.45 0.74 -5.50
C PRO A 8 -30.48 -0.42 -5.18
N ALA A 9 -29.69 -0.28 -4.11
CA ALA A 9 -28.76 -1.29 -3.58
C ALA A 9 -28.46 -1.02 -2.10
N GLY A 10 -28.01 -2.06 -1.41
CA GLY A 10 -27.63 -1.98 0.00
C GLY A 10 -28.80 -1.89 0.96
N THR A 11 -28.49 -1.62 2.23
CA THR A 11 -29.47 -1.57 3.30
C THR A 11 -29.41 -0.23 4.05
N PHE A 12 -30.55 0.48 4.07
CA PHE A 12 -30.73 1.75 4.76
C PHE A 12 -31.53 1.47 6.02
N ARG A 13 -30.89 1.72 7.16
CA ARG A 13 -31.43 1.43 8.48
C ARG A 13 -31.65 2.72 9.26
N LEU A 14 -32.78 2.83 9.97
CA LEU A 14 -33.16 3.99 10.77
C LEU A 14 -33.18 3.64 12.26
N GLY A 15 -32.64 4.55 13.05
CA GLY A 15 -32.59 4.42 14.50
C GLY A 15 -32.93 5.71 15.19
N ILE A 16 -33.23 5.64 16.47
CA ILE A 16 -33.57 6.81 17.27
C ILE A 16 -32.84 6.74 18.60
N SER A 17 -32.67 7.91 19.26
CA SER A 17 -32.04 8.02 20.55
C SER A 17 -32.76 9.04 21.43
N LYS A 18 -32.72 8.82 22.74
CA LYS A 18 -33.27 9.70 23.77
C LYS A 18 -32.28 9.65 24.91
N GLY A 19 -31.45 10.67 24.98
CA GLY A 19 -30.37 10.73 25.95
C GLY A 19 -29.28 9.74 25.59
N THR A 20 -28.93 8.86 26.52
CA THR A 20 -27.91 7.82 26.39
C THR A 20 -28.53 6.51 25.87
N ASP A 21 -29.87 6.47 25.76
CA ASP A 21 -30.61 5.31 25.28
C ASP A 21 -30.89 5.44 23.79
N SER A 22 -30.72 4.33 23.02
CA SER A 22 -30.95 4.23 21.56
C SER A 22 -31.24 2.77 21.11
N HIS A 23 -31.95 2.62 19.97
CA HIS A 23 -32.27 1.33 19.35
C HIS A 23 -32.61 1.54 17.86
N TRP A 24 -32.32 0.51 17.00
CA TRP A 24 -32.66 0.52 15.57
C TRP A 24 -34.14 0.19 15.39
N LEU A 25 -34.85 1.03 14.61
CA LEU A 25 -36.29 0.89 14.41
C LEU A 25 -36.60 -0.33 13.60
N ALA A 26 -37.70 -1.01 13.98
CA ALA A 26 -38.21 -2.20 13.31
C ALA A 26 -38.98 -1.79 12.05
N PRO A 27 -39.12 -2.67 11.01
CA PRO A 27 -39.77 -2.27 9.74
C PRO A 27 -41.04 -1.38 9.85
N GLN A 28 -42.01 -1.72 10.73
CA GLN A 28 -43.22 -0.89 10.83
C GLN A 28 -43.37 -0.31 12.24
N GLU A 29 -42.24 -0.13 12.94
CA GLU A 29 -42.18 0.41 14.30
C GLU A 29 -42.67 1.83 14.32
N LYS A 30 -43.64 2.11 15.23
CA LYS A 30 -44.25 3.42 15.44
C LYS A 30 -43.45 4.20 16.46
N VAL A 31 -43.25 5.51 16.20
CA VAL A 31 -42.51 6.39 17.12
C VAL A 31 -43.43 7.56 17.48
N LYS A 32 -43.47 7.89 18.78
CA LYS A 32 -44.26 8.99 19.29
C LYS A 32 -43.67 10.33 18.84
N GLY A 33 -44.46 11.05 18.05
CA GLY A 33 -44.13 12.36 17.55
C GLY A 33 -43.40 12.39 16.21
N ILE A 34 -43.00 11.21 15.68
CA ILE A 34 -42.25 11.11 14.43
C ILE A 34 -42.98 10.18 13.47
N ALA A 35 -43.25 10.66 12.24
CA ALA A 35 -43.92 9.92 11.18
C ALA A 35 -43.01 9.75 9.97
N PHE A 36 -43.12 8.60 9.28
CA PHE A 36 -42.28 8.29 8.12
C PHE A 36 -43.11 8.06 6.86
N ARG A 37 -42.99 8.99 5.90
CA ARG A 37 -43.67 8.89 4.61
C ARG A 37 -42.62 8.63 3.54
N TRP A 38 -42.85 7.59 2.73
CA TRP A 38 -41.94 7.16 1.65
C TRP A 38 -42.61 7.36 0.30
N LYS A 39 -41.91 7.99 -0.64
CA LYS A 39 -42.43 8.21 -1.98
C LYS A 39 -41.37 7.79 -3.00
N ALA A 40 -41.79 7.03 -4.00
CA ALA A 40 -40.92 6.54 -5.06
C ALA A 40 -40.56 7.67 -6.01
N LEU A 41 -39.36 7.61 -6.60
CA LEU A 41 -38.92 8.62 -7.56
C LEU A 41 -39.49 8.25 -8.93
N PRO A 42 -40.20 9.19 -9.59
CA PRO A 42 -40.83 8.83 -10.88
C PRO A 42 -39.84 8.73 -12.05
N ASP A 43 -38.83 9.62 -12.11
CA ASP A 43 -37.85 9.69 -13.19
C ASP A 43 -36.87 8.51 -13.12
N THR A 44 -35.93 8.57 -12.17
CA THR A 44 -34.90 7.56 -11.96
C THR A 44 -35.35 6.54 -10.88
N ARG A 45 -34.51 5.51 -10.70
CA ARG A 45 -34.70 4.47 -9.70
C ARG A 45 -34.30 5.04 -8.35
N GLY A 46 -35.23 5.03 -7.39
CA GLY A 46 -34.97 5.53 -6.05
C GLY A 46 -36.20 6.04 -5.31
N PHE A 47 -35.97 6.69 -4.15
CA PHE A 47 -37.06 7.21 -3.32
C PHE A 47 -36.66 8.45 -2.51
N ILE A 48 -37.68 9.12 -1.94
CA ILE A 48 -37.54 10.21 -0.98
C ILE A 48 -38.29 9.78 0.28
N LEU A 49 -37.66 10.03 1.42
CA LEU A 49 -38.24 9.78 2.72
C LEU A 49 -38.42 11.12 3.44
N GLU A 50 -39.60 11.32 3.98
CA GLU A 50 -39.90 12.49 4.77
C GLU A 50 -40.11 12.05 6.22
N VAL A 51 -39.23 12.51 7.09
CA VAL A 51 -39.32 12.27 8.51
C VAL A 51 -39.98 13.52 9.07
N ALA A 52 -41.27 13.41 9.45
CA ALA A 52 -42.08 14.50 9.96
C ALA A 52 -42.03 14.49 11.49
N VAL A 53 -41.25 15.43 12.05
CA VAL A 53 -41.09 15.51 13.50
C VAL A 53 -42.11 16.52 14.03
N THR A 54 -42.92 16.05 15.00
CA THR A 54 -43.96 16.81 15.69
C THR A 54 -43.54 17.02 17.13
N SER A 55 -43.04 15.94 17.77
CA SER A 55 -42.62 15.90 19.17
C SER A 55 -41.30 15.15 19.37
N LEU A 56 -40.58 15.54 20.43
CA LEU A 56 -39.33 14.93 20.88
C LEU A 56 -39.56 14.08 22.15
N GLN A 57 -40.82 13.63 22.39
CA GLN A 57 -41.17 12.90 23.61
C GLN A 57 -40.55 11.48 23.63
N GLN A 58 -40.43 10.82 22.46
CA GLN A 58 -39.83 9.50 22.42
C GLN A 58 -38.37 9.59 21.99
N ALA A 59 -38.01 10.56 21.10
CA ALA A 59 -36.64 10.68 20.59
C ALA A 59 -36.15 12.13 20.36
N ASP A 60 -34.88 12.41 20.77
CA ASP A 60 -34.21 13.69 20.56
C ASP A 60 -33.33 13.67 19.31
N THR A 61 -32.90 12.46 18.88
CA THR A 61 -32.03 12.30 17.72
C THR A 61 -32.45 11.16 16.83
N LEU A 62 -32.35 11.37 15.49
CA LEU A 62 -32.56 10.35 14.48
C LEU A 62 -31.20 9.87 14.00
N PHE A 63 -31.05 8.57 13.85
CA PHE A 63 -29.83 7.96 13.36
C PHE A 63 -30.11 7.12 12.15
N TRP A 64 -29.09 6.95 11.32
CA TRP A 64 -29.23 6.13 10.14
C TRP A 64 -27.90 5.50 9.81
N SER A 65 -27.96 4.39 9.09
CA SER A 65 -26.82 3.63 8.62
C SER A 65 -27.09 3.23 7.19
N PHE A 66 -26.03 3.02 6.44
CA PHE A 66 -26.08 2.51 5.08
C PHE A 66 -24.81 1.67 4.81
N GLY A 67 -25.03 0.49 4.26
CA GLY A 67 -23.98 -0.43 3.90
C GLY A 67 -24.39 -1.33 2.76
N ASN A 68 -23.40 -1.77 1.98
CA ASN A 68 -23.53 -2.76 0.92
C ASN A 68 -23.01 -4.06 1.53
N CYS A 69 -23.94 -4.91 1.95
CA CYS A 69 -23.70 -6.12 2.74
C CYS A 69 -23.30 -7.41 1.92
N GLN A 70 -22.29 -7.29 1.04
CA GLN A 70 -21.78 -8.43 0.27
C GLN A 70 -20.25 -8.47 0.47
N PRO A 71 -19.75 -9.43 1.29
CA PRO A 71 -18.29 -9.50 1.53
C PRO A 71 -17.55 -10.15 0.36
N ASP A 72 -18.28 -10.96 -0.43
CA ASP A 72 -17.89 -11.65 -1.66
C ASP A 72 -17.50 -10.61 -2.76
N ASP A 74 -16.04 -7.41 -4.75
CA ASP A 74 -14.65 -6.96 -4.75
C ASP A 74 -14.54 -5.55 -4.25
N ILE A 75 -15.38 -4.65 -4.80
CA ILE A 75 -15.36 -3.21 -4.54
C ILE A 75 -16.64 -2.73 -3.81
N ASN A 76 -16.43 -1.91 -2.78
CA ASN A 76 -17.41 -1.14 -2.00
C ASN A 76 -16.68 0.05 -1.37
N VAL A 77 -16.86 1.26 -1.97
CA VAL A 77 -16.22 2.49 -1.50
C VAL A 77 -17.25 3.59 -1.43
N PHE A 78 -17.04 4.49 -0.46
CA PHE A 78 -17.89 5.64 -0.23
C PHE A 78 -17.13 6.92 -0.47
N SER A 79 -17.86 7.90 -1.01
CA SER A 79 -17.44 9.27 -1.19
C SER A 79 -18.49 10.12 -0.51
N VAL A 80 -18.09 10.88 0.52
CA VAL A 80 -19.00 11.74 1.27
C VAL A 80 -18.65 13.17 1.01
N GLU A 81 -19.66 13.96 0.58
CA GLU A 81 -19.51 15.38 0.30
C GLU A 81 -20.65 16.13 1.00
N GLY A 82 -20.35 16.57 2.21
CA GLY A 82 -21.28 17.28 3.06
C GLY A 82 -22.29 16.31 3.61
N GLN A 83 -23.56 16.59 3.32
CA GLN A 83 -24.73 15.79 3.72
C GLN A 83 -25.10 14.77 2.65
N ALA A 84 -24.29 14.72 1.55
CA ALA A 84 -24.48 13.80 0.44
C ALA A 84 -23.39 12.77 0.37
N PHE A 85 -23.70 11.60 -0.19
CA PHE A 85 -22.70 10.56 -0.37
C PHE A 85 -22.93 9.83 -1.69
N THR A 86 -21.93 9.02 -2.08
CA THR A 86 -21.91 8.17 -3.28
C THR A 86 -21.33 6.84 -2.89
N CYS A 87 -21.88 5.77 -3.45
CA CYS A 87 -21.42 4.41 -3.21
C CYS A 87 -21.08 3.76 -4.52
N TYR A 88 -19.83 3.31 -4.66
CA TYR A 88 -19.31 2.59 -5.81
C TYR A 88 -19.16 1.15 -5.40
N TYR A 89 -20.01 0.28 -5.96
CA TYR A 89 -20.07 -1.12 -5.58
C TYR A 89 -20.02 -2.03 -6.81
N GLY A 90 -19.44 -3.22 -6.61
CA GLY A 90 -19.35 -4.23 -7.66
C GLY A 90 -17.95 -4.72 -7.92
N GLU A 91 -17.61 -4.81 -9.19
CA GLU A 91 -16.28 -5.23 -9.66
C GLU A 91 -15.82 -4.26 -10.71
N SER A 92 -14.59 -4.39 -11.20
CA SER A 92 -14.08 -3.42 -12.17
C SER A 92 -14.87 -3.48 -13.48
N LYS A 94 -18.00 -4.37 -13.94
CA LYS A 94 -19.41 -4.11 -13.65
C LYS A 94 -19.45 -3.32 -12.37
N LEU A 95 -19.19 -2.01 -12.48
CA LEU A 95 -19.22 -1.11 -11.34
C LEU A 95 -20.49 -0.31 -11.39
N ARG A 96 -21.19 -0.24 -10.27
CA ARG A 96 -22.44 0.49 -10.19
C ARG A 96 -22.32 1.65 -9.21
N THR A 97 -23.13 2.70 -9.42
CA THR A 97 -23.14 3.91 -8.62
C THR A 97 -24.53 4.17 -8.04
N LEU A 98 -24.56 4.35 -6.71
CA LEU A 98 -25.73 4.73 -5.90
C LEU A 98 -25.43 6.10 -5.29
N GLN A 99 -26.38 7.03 -5.36
CA GLN A 99 -26.24 8.37 -4.80
C GLN A 99 -27.23 8.61 -3.67
N ALA A 100 -26.86 9.37 -2.60
CA ALA A 100 -27.80 9.67 -1.51
C ALA A 100 -27.65 11.11 -0.94
N VAL A 101 -28.80 11.69 -0.47
CA VAL A 101 -28.88 13.01 0.22
C VAL A 101 -29.47 12.76 1.62
N THR A 102 -28.80 13.27 2.66
CA THR A 102 -29.26 13.10 4.05
C THR A 102 -29.48 14.47 4.73
N PRO A 103 -30.19 14.54 5.89
CA PRO A 103 -30.44 15.87 6.51
C PRO A 103 -29.21 16.62 7.01
N THR A 104 -28.20 15.94 7.59
CA THR A 104 -26.99 16.54 8.16
C THR A 104 -25.72 16.06 7.49
N ASP A 105 -24.62 16.77 7.72
CA ASP A 105 -23.26 16.47 7.26
C ASP A 105 -22.49 15.70 8.35
N ASP A 106 -23.22 15.24 9.38
CA ASP A 106 -22.66 14.46 10.49
C ASP A 106 -22.63 12.96 10.07
N ILE A 107 -21.77 12.64 9.09
CA ILE A 107 -21.63 11.31 8.51
C ILE A 107 -20.24 10.79 8.83
N ARG A 108 -20.19 9.53 9.28
CA ARG A 108 -18.98 8.83 9.71
C ARG A 108 -18.83 7.48 9.02
N LEU A 109 -17.60 7.09 8.67
CA LEU A 109 -17.34 5.75 8.15
C LEU A 109 -17.20 4.90 9.35
N SER A 110 -18.29 4.26 9.77
CA SER A 110 -18.29 3.49 10.99
C SER A 110 -18.08 1.98 10.72
N ASN A 111 -17.87 1.20 11.79
CA ASN A 111 -17.68 -0.24 11.75
C ASN A 111 -19.03 -0.98 11.93
N GLY A 112 -19.49 -1.59 10.86
CA GLY A 112 -20.75 -2.34 10.85
C GLY A 112 -20.90 -3.36 11.96
N ARG A 113 -19.80 -4.05 12.34
CA ARG A 113 -19.81 -5.08 13.39
C ARG A 113 -20.15 -4.51 14.80
N GLN A 114 -20.00 -3.19 14.95
CA GLN A 114 -20.23 -2.49 16.20
C GLN A 114 -21.57 -1.73 16.16
N ASP A 115 -22.63 -2.38 15.66
CA ASP A 115 -23.93 -1.76 15.45
C ASP A 115 -25.06 -2.24 16.41
N LYS A 116 -24.74 -2.82 17.58
CA LYS A 116 -25.81 -3.27 18.51
C LYS A 116 -26.92 -2.18 18.63
N THR A 117 -26.51 -0.89 18.73
CA THR A 117 -27.39 0.28 18.84
C THR A 117 -26.88 1.41 17.92
N PRO A 118 -27.70 2.42 17.58
CA PRO A 118 -27.18 3.54 16.76
C PRO A 118 -26.02 4.28 17.44
N LEU A 119 -26.10 4.54 18.76
CA LEU A 119 -25.05 5.25 19.49
C LEU A 119 -23.71 4.46 19.52
N LEU A 120 -23.77 3.12 19.53
CA LEU A 120 -22.53 2.34 19.53
C LEU A 120 -21.89 2.36 18.15
N LEU A 121 -22.71 2.24 17.07
CA LEU A 121 -22.24 2.28 15.69
C LEU A 121 -21.57 3.59 15.41
N TYR A 122 -22.26 4.73 15.71
CA TYR A 122 -21.82 6.12 15.46
C TYR A 122 -20.46 6.39 16.11
N GLU A 123 -20.28 5.94 17.37
CA GLU A 123 -19.02 6.14 18.11
C GLU A 123 -18.02 4.96 17.92
N SER A 124 -18.22 4.11 16.90
CA SER A 124 -17.35 2.97 16.65
C SER A 124 -16.04 3.43 16.03
N GLY A 125 -14.96 2.95 16.61
CA GLY A 125 -13.62 3.34 16.19
C GLY A 125 -12.77 2.20 15.69
N LYS A 126 -13.32 0.93 15.83
CA LYS A 126 -12.63 -0.30 15.44
C LYS A 126 -12.37 -0.26 13.93
N ARG A 127 -11.11 -0.62 13.55
CA ARG A 127 -10.62 -0.59 12.16
C ARG A 127 -11.31 -1.66 11.35
N THR A 128 -11.76 -1.25 10.16
CA THR A 128 -12.43 -2.13 9.21
C THR A 128 -12.01 -1.76 7.79
N ASP A 129 -11.98 -2.78 6.92
CA ASP A 129 -11.63 -2.64 5.51
C ASP A 129 -12.86 -2.27 4.69
N ARG A 130 -14.07 -2.70 5.17
CA ARG A 130 -15.34 -2.43 4.49
C ARG A 130 -16.34 -1.72 5.48
N PRO A 131 -16.14 -0.38 5.65
CA PRO A 131 -16.99 0.39 6.56
C PRO A 131 -18.40 0.60 6.08
N VAL A 132 -19.20 1.13 6.98
CA VAL A 132 -20.58 1.47 6.73
C VAL A 132 -20.70 2.94 6.99
N LEU A 133 -21.68 3.57 6.39
CA LEU A 133 -21.89 4.95 6.66
C LEU A 133 -22.89 5.09 7.76
N ALA A 134 -22.65 6.01 8.68
CA ALA A 134 -23.56 6.27 9.78
C ALA A 134 -23.68 7.75 9.98
N GLY A 135 -24.91 8.25 10.06
CA GLY A 135 -25.20 9.66 10.29
C GLY A 135 -26.05 9.94 11.52
N ARG A 136 -25.87 11.13 12.11
CA ARG A 136 -26.58 11.66 13.27
C ARG A 136 -27.42 12.87 12.86
N CYS A 137 -28.74 12.86 13.16
CA CYS A 137 -29.66 13.95 12.83
C CYS A 137 -30.34 14.47 14.08
N PRO A 138 -29.77 15.54 14.72
CA PRO A 138 -30.41 16.11 15.92
C PRO A 138 -31.80 16.62 15.56
N LEU A 139 -32.82 16.15 16.32
CA LEU A 139 -34.21 16.50 16.04
C LEU A 139 -34.67 17.78 16.72
N ALA A 140 -35.69 18.40 16.11
CA ALA A 140 -36.42 19.60 16.52
C ALA A 140 -37.91 19.39 16.27
N ALA A 141 -38.75 19.84 17.21
CA ALA A 141 -40.20 19.73 17.06
C ALA A 141 -40.70 20.66 15.94
N ASN A 142 -41.79 20.25 15.27
CA ASN A 142 -42.45 20.94 14.16
C ASN A 142 -41.44 21.25 13.02
N SER A 143 -40.70 20.19 12.62
CA SER A 143 -39.70 20.24 11.53
C SER A 143 -39.78 18.97 10.70
N LYS A 144 -39.31 19.05 9.45
CA LYS A 144 -39.32 17.90 8.54
C LYS A 144 -37.89 17.63 8.02
N LEU A 145 -37.47 16.36 8.05
CA LEU A 145 -36.18 15.92 7.55
C LEU A 145 -36.36 15.08 6.31
N TYR A 146 -35.40 15.14 5.37
CA TYR A 146 -35.54 14.41 4.12
C TYR A 146 -34.30 13.58 3.78
N PHE A 147 -34.54 12.46 3.11
CA PHE A 147 -33.56 11.52 2.59
C PHE A 147 -33.86 11.22 1.15
N CYS A 148 -32.83 11.01 0.34
CA CYS A 148 -33.06 10.67 -1.05
C CYS A 148 -31.98 9.73 -1.53
N PHE A 149 -32.37 8.51 -1.92
CA PHE A 149 -31.52 7.48 -2.51
C PHE A 149 -31.87 7.36 -3.98
N TYR A 150 -30.90 7.55 -4.88
CA TYR A 150 -31.16 7.53 -6.33
C TYR A 150 -29.96 7.02 -7.14
N GLU A 151 -30.20 6.59 -8.39
CA GLU A 151 -29.22 6.16 -9.36
C GLU A 151 -29.03 7.24 -10.44
N GLN A 152 -27.77 7.47 -10.87
CA GLN A 152 -27.48 8.47 -11.91
C GLN A 152 -26.94 7.81 -13.17
N ASN A 153 -27.59 8.17 -14.31
CA ASN A 153 -27.28 7.71 -15.67
C ASN A 153 -25.93 8.35 -16.09
N ALA A 154 -24.87 7.53 -16.06
CA ALA A 154 -23.48 7.91 -16.35
C ALA A 154 -23.29 8.39 -17.81
N ARG A 155 -23.59 9.67 -18.10
CA ARG A 155 -23.42 10.27 -19.43
C ARG A 155 -21.94 10.69 -19.63
N ALA A 156 -21.16 9.88 -20.38
CA ALA A 156 -19.73 10.12 -20.65
C ALA A 156 -19.57 11.29 -21.64
N ASP A 157 -18.82 12.32 -21.21
CA ASP A 157 -18.59 13.53 -21.99
C ASP A 157 -17.85 13.28 -23.32
N TYR A 158 -16.99 12.20 -23.40
CA TYR A 158 -16.26 11.90 -24.65
C TYR A 158 -16.34 10.42 -25.04
N ASN A 159 -16.55 10.16 -26.34
CA ASN A 159 -16.64 8.85 -26.99
C ASN A 159 -15.55 8.74 -28.01
N TYR A 160 -15.11 7.52 -28.40
CA TYR A 160 -14.05 7.34 -29.39
C TYR A 160 -14.43 7.89 -30.78
N PHE A 161 -15.73 7.93 -31.11
CA PHE A 161 -16.22 8.41 -32.41
C PHE A 161 -15.97 9.90 -32.60
N LEU A 163 -13.53 11.79 -30.99
CA LEU A 163 -12.10 12.09 -30.84
C LEU A 163 -11.42 12.56 -32.16
N PRO A 164 -11.53 11.91 -33.35
CA PRO A 164 -10.79 12.41 -34.53
C PRO A 164 -11.18 13.84 -34.96
N ASP A 165 -12.47 14.20 -34.85
CA ASP A 165 -12.94 15.53 -35.23
C ASP A 165 -12.50 16.58 -34.22
N LEU A 166 -12.65 16.26 -32.91
CA LEU A 166 -12.25 17.11 -31.79
C LEU A 166 -10.76 17.40 -31.82
N PHE A 167 -9.94 16.39 -32.15
CA PHE A 167 -8.49 16.56 -32.27
C PHE A 167 -8.17 17.57 -33.38
N ALA A 168 -8.87 17.48 -34.53
CA ALA A 168 -8.68 18.37 -35.67
C ALA A 168 -9.20 19.79 -35.38
N LYS A 169 -10.25 19.90 -34.57
CA LYS A 169 -10.91 21.14 -34.18
C LYS A 169 -10.02 22.04 -33.29
N ILE A 170 -9.24 21.44 -32.36
CA ILE A 170 -8.40 22.14 -31.37
C ILE A 170 -7.23 22.88 -32.09
N ALA B 2 2.56 17.90 -29.94
CA ALA B 2 3.99 17.73 -30.24
C ALA B 2 4.76 17.18 -29.03
N GLN B 3 4.71 17.93 -27.91
CA GLN B 3 5.30 17.61 -26.60
C GLN B 3 4.29 16.79 -25.78
N GLN B 4 4.78 15.74 -25.07
CA GLN B 4 3.96 14.83 -24.26
C GLN B 4 3.14 15.57 -23.17
N LEU B 5 1.85 15.23 -23.08
CA LEU B 5 0.97 15.79 -22.08
C LEU B 5 0.66 14.71 -21.04
N THR B 6 0.27 15.13 -19.84
CA THR B 6 0.06 14.22 -18.72
C THR B 6 -1.43 14.16 -18.31
N PRO B 7 -1.95 13.00 -17.81
CA PRO B 7 -3.36 12.96 -17.39
C PRO B 7 -3.61 13.83 -16.15
N PRO B 8 -4.89 14.21 -15.86
CA PRO B 8 -5.17 15.01 -14.64
C PRO B 8 -4.61 14.40 -13.35
N ALA B 9 -4.39 13.07 -13.35
CA ALA B 9 -3.79 12.27 -12.28
C ALA B 9 -3.22 10.97 -12.82
N GLY B 10 -2.32 10.36 -12.07
CA GLY B 10 -1.71 9.09 -12.44
C GLY B 10 -0.65 9.19 -13.51
N THR B 11 -0.20 8.02 -13.98
CA THR B 11 0.83 7.92 -14.99
C THR B 11 0.34 7.08 -16.18
N PHE B 12 0.39 7.69 -17.38
CA PHE B 12 0.05 7.07 -18.66
C PHE B 12 1.34 6.80 -19.41
N ARG B 13 1.62 5.53 -19.60
CA ARG B 13 2.84 5.03 -20.20
C ARG B 13 2.55 4.33 -21.52
N LEU B 14 3.39 4.60 -22.53
CA LEU B 14 3.27 4.03 -23.87
C LEU B 14 4.40 3.05 -24.17
N GLY B 15 4.03 1.92 -24.76
CA GLY B 15 4.98 0.90 -25.15
C GLY B 15 4.67 0.38 -26.54
N ILE B 16 5.62 -0.31 -27.12
CA ILE B 16 5.48 -0.90 -28.44
C ILE B 16 6.03 -2.31 -28.39
N SER B 17 5.44 -3.19 -29.21
CA SER B 17 5.88 -4.56 -29.41
C SER B 17 5.99 -4.82 -30.92
N LYS B 18 6.81 -5.80 -31.27
CA LYS B 18 7.11 -6.31 -32.61
C LYS B 18 7.44 -7.76 -32.41
N GLY B 19 6.45 -8.61 -32.64
CA GLY B 19 6.59 -10.04 -32.40
C GLY B 19 6.62 -10.31 -30.91
N THR B 20 7.68 -10.99 -30.44
CA THR B 20 7.91 -11.36 -29.03
C THR B 20 8.70 -10.27 -28.29
N ASP B 21 9.18 -9.25 -29.04
CA ASP B 21 9.92 -8.10 -28.51
C ASP B 21 9.01 -6.95 -28.19
N SER B 22 9.30 -6.26 -27.08
CA SER B 22 8.58 -5.09 -26.58
C SER B 22 9.44 -4.29 -25.61
N HIS B 23 9.10 -3.01 -25.45
CA HIS B 23 9.73 -2.12 -24.48
C HIS B 23 8.87 -0.89 -24.30
N TRP B 24 8.98 -0.24 -23.13
CA TRP B 24 8.25 0.99 -22.84
C TRP B 24 9.00 2.16 -23.48
N LEU B 25 8.27 3.03 -24.20
CA LEU B 25 8.88 4.19 -24.87
C LEU B 25 9.34 5.20 -23.88
N ALA B 26 10.50 5.82 -24.17
CA ALA B 26 11.09 6.90 -23.37
C ALA B 26 10.35 8.22 -23.68
N PRO B 27 10.36 9.24 -22.76
CA PRO B 27 9.59 10.47 -22.98
C PRO B 27 9.61 11.08 -24.41
N GLN B 28 10.77 11.19 -25.07
CA GLN B 28 10.77 11.78 -26.42
C GLN B 28 11.29 10.79 -27.46
N GLU B 29 11.18 9.47 -27.14
CA GLU B 29 11.65 8.38 -27.98
C GLU B 29 10.90 8.38 -29.34
N LYS B 30 11.69 8.33 -30.43
CA LYS B 30 11.22 8.28 -31.82
C LYS B 30 10.94 6.83 -32.25
N VAL B 31 9.83 6.63 -32.99
CA VAL B 31 9.45 5.30 -33.50
C VAL B 31 9.28 5.40 -35.00
N LYS B 32 9.87 4.44 -35.72
CA LYS B 32 9.80 4.35 -37.18
C LYS B 32 8.37 3.99 -37.62
N GLY B 33 7.76 4.92 -38.35
CA GLY B 33 6.41 4.77 -38.91
C GLY B 33 5.27 5.22 -38.01
N ILE B 34 5.56 5.57 -36.74
CA ILE B 34 4.55 6.00 -35.77
C ILE B 34 4.93 7.38 -35.19
N ALA B 35 3.97 8.32 -35.26
CA ALA B 35 4.11 9.68 -34.74
C ALA B 35 3.10 9.95 -33.63
N PHE B 36 3.49 10.76 -32.61
CA PHE B 36 2.64 11.08 -31.48
C PHE B 36 2.40 12.59 -31.35
N ARG B 37 1.14 12.99 -31.60
CA ARG B 37 0.72 14.39 -31.46
C ARG B 37 -0.21 14.50 -30.26
N TRP B 38 0.08 15.44 -29.35
CA TRP B 38 -0.67 15.69 -28.12
C TRP B 38 -1.33 17.05 -28.15
N LYS B 39 -2.61 17.14 -27.82
CA LYS B 39 -3.36 18.39 -27.80
C LYS B 39 -4.16 18.47 -26.50
N ALA B 40 -4.08 19.62 -25.83
CA ALA B 40 -4.80 19.87 -24.59
C ALA B 40 -6.29 20.08 -24.84
N LEU B 41 -7.12 19.67 -23.87
CA LEU B 41 -8.57 19.84 -23.96
C LEU B 41 -8.93 21.27 -23.54
N PRO B 42 -9.69 21.99 -24.39
CA PRO B 42 -9.98 23.40 -24.08
C PRO B 42 -11.06 23.59 -22.99
N ASP B 43 -12.10 22.74 -22.99
CA ASP B 43 -13.23 22.84 -22.06
C ASP B 43 -12.81 22.37 -20.68
N THR B 44 -12.66 21.03 -20.51
CA THR B 44 -12.29 20.40 -19.25
C THR B 44 -10.76 20.19 -19.16
N ARG B 45 -10.30 19.73 -17.98
CA ARG B 45 -8.91 19.38 -17.71
C ARG B 45 -8.62 18.02 -18.37
N GLY B 46 -7.63 17.99 -19.26
CA GLY B 46 -7.26 16.76 -19.97
C GLY B 46 -6.63 16.94 -21.33
N PHE B 47 -6.47 15.85 -22.09
CA PHE B 47 -5.84 15.89 -23.41
C PHE B 47 -6.33 14.78 -24.34
N ILE B 48 -5.99 14.93 -25.64
CA ILE B 48 -6.20 13.94 -26.69
C ILE B 48 -4.82 13.64 -27.28
N LEU B 49 -4.53 12.36 -27.43
CA LEU B 49 -3.33 11.88 -28.07
C LEU B 49 -3.74 11.23 -29.37
N GLU B 50 -2.99 11.54 -30.46
CA GLU B 50 -3.19 10.96 -31.78
C GLU B 50 -1.94 10.19 -32.14
N VAL B 51 -2.10 8.89 -32.24
CA VAL B 51 -1.06 7.97 -32.66
C VAL B 51 -1.29 7.78 -34.16
N ALA B 52 -0.42 8.37 -34.97
CA ALA B 52 -0.49 8.32 -36.42
C ALA B 52 0.40 7.20 -36.93
N VAL B 53 -0.22 6.10 -37.35
CA VAL B 53 0.53 4.94 -37.82
C VAL B 53 0.61 5.01 -39.34
N THR B 54 1.84 4.95 -39.86
CA THR B 54 2.17 4.99 -41.28
C THR B 54 2.75 3.62 -41.69
N SER B 55 3.65 3.09 -40.84
CA SER B 55 4.37 1.84 -41.06
C SER B 55 4.42 0.98 -39.80
N LEU B 56 4.49 -0.33 -40.01
CA LEU B 56 4.61 -1.35 -38.97
C LEU B 56 6.04 -1.93 -38.96
N GLN B 57 7.04 -1.17 -39.47
CA GLN B 57 8.41 -1.65 -39.58
C GLN B 57 9.09 -1.79 -38.21
N GLN B 58 8.81 -0.87 -37.27
CA GLN B 58 9.43 -0.94 -35.95
C GLN B 58 8.49 -1.62 -34.95
N ALA B 59 7.18 -1.30 -35.04
CA ALA B 59 6.18 -1.80 -34.12
C ALA B 59 5.01 -2.51 -34.82
N ASP B 60 4.56 -3.69 -34.31
CA ASP B 60 3.35 -4.36 -34.82
C ASP B 60 2.13 -3.98 -33.92
N THR B 61 2.38 -3.77 -32.61
CA THR B 61 1.37 -3.44 -31.62
C THR B 61 1.80 -2.24 -30.76
N LEU B 62 0.82 -1.45 -30.31
CA LEU B 62 0.97 -0.37 -29.34
C LEU B 62 0.42 -0.86 -28.01
N PHE B 63 1.14 -0.54 -26.93
CA PHE B 63 0.74 -0.89 -25.57
C PHE B 63 0.67 0.34 -24.71
N TRP B 64 -0.20 0.31 -23.73
CA TRP B 64 -0.32 1.42 -22.82
C TRP B 64 -0.62 0.89 -21.42
N SER B 65 -0.30 1.68 -20.39
CA SER B 65 -0.58 1.32 -19.02
C SER B 65 -0.94 2.56 -18.22
N PHE B 66 -2.00 2.45 -17.39
CA PHE B 66 -2.43 3.50 -16.49
C PHE B 66 -2.37 3.02 -15.04
N GLY B 67 -1.69 3.78 -14.18
CA GLY B 67 -1.52 3.48 -12.77
C GLY B 67 -1.49 4.74 -11.91
N ASN B 68 -2.25 4.72 -10.80
CA ASN B 68 -2.24 5.80 -9.80
C ASN B 68 -1.21 5.35 -8.78
N CYS B 69 -0.01 5.90 -8.92
CA CYS B 69 1.17 5.47 -8.19
C CYS B 69 1.36 6.22 -6.83
N GLN B 70 0.36 6.04 -5.95
CA GLN B 70 0.40 6.51 -4.57
C GLN B 70 -0.02 5.32 -3.67
N PRO B 71 0.97 4.70 -2.98
CA PRO B 71 0.66 3.52 -2.16
C PRO B 71 0.09 3.88 -0.79
N ASP B 72 0.07 5.19 -0.50
CA ASP B 72 -0.41 5.83 0.73
C ASP B 72 -1.97 6.08 0.67
N ASP B 74 -6.03 5.76 0.30
CA ASP B 74 -6.97 4.78 0.84
C ASP B 74 -7.74 4.07 -0.29
N ILE B 75 -8.15 4.85 -1.32
CA ILE B 75 -8.96 4.36 -2.43
C ILE B 75 -8.25 4.62 -3.78
N ASN B 76 -8.27 3.58 -4.64
CA ASN B 76 -7.81 3.54 -6.02
C ASN B 76 -8.48 2.33 -6.70
N VAL B 77 -9.56 2.58 -7.45
CA VAL B 77 -10.34 1.54 -8.12
C VAL B 77 -10.59 1.94 -9.59
N PHE B 78 -10.67 0.94 -10.46
CA PHE B 78 -10.98 1.19 -11.85
C PHE B 78 -12.25 0.50 -12.23
N SER B 79 -13.01 1.15 -13.10
CA SER B 79 -14.21 0.66 -13.74
C SER B 79 -13.93 0.69 -15.23
N VAL B 80 -14.04 -0.46 -15.92
CA VAL B 80 -13.78 -0.53 -17.35
C VAL B 80 -15.08 -0.80 -18.08
N GLU B 81 -15.39 0.03 -19.08
CA GLU B 81 -16.59 -0.12 -19.90
C GLU B 81 -16.18 -0.05 -21.39
N GLY B 82 -15.89 -1.22 -21.95
CA GLY B 82 -15.43 -1.36 -23.31
C GLY B 82 -14.00 -0.87 -23.45
N GLN B 83 -13.82 0.14 -24.31
CA GLN B 83 -12.55 0.81 -24.59
C GLN B 83 -12.35 2.02 -23.68
N ALA B 84 -13.28 2.26 -22.76
CA ALA B 84 -13.22 3.36 -21.79
C ALA B 84 -13.06 2.86 -20.38
N PHE B 85 -12.46 3.67 -19.54
CA PHE B 85 -12.33 3.31 -18.14
C PHE B 85 -12.51 4.57 -17.27
N THR B 86 -12.80 4.36 -15.99
CA THR B 86 -12.95 5.39 -14.96
C THR B 86 -12.03 5.02 -13.82
N CYS B 87 -11.41 6.02 -13.19
CA CYS B 87 -10.53 5.81 -12.06
C CYS B 87 -11.00 6.66 -10.91
N TYR B 88 -11.30 6.00 -9.78
CA TYR B 88 -11.71 6.62 -8.55
C TYR B 88 -10.53 6.53 -7.60
N TYR B 89 -9.93 7.68 -7.29
CA TYR B 89 -8.73 7.75 -6.48
C TYR B 89 -8.87 8.79 -5.37
N GLY B 90 -8.15 8.56 -4.28
CA GLY B 90 -8.14 9.45 -3.12
C GLY B 90 -8.58 8.77 -1.84
N GLU B 91 -9.43 9.47 -1.06
CA GLU B 91 -10.04 9.01 0.19
C GLU B 91 -11.53 9.33 0.17
N SER B 92 -12.32 8.75 1.11
CA SER B 92 -13.77 8.94 1.17
C SER B 92 -14.15 10.40 1.31
N LYS B 94 -12.34 12.87 0.11
CA LYS B 94 -11.83 13.57 -1.07
C LYS B 94 -11.72 12.60 -2.25
N LEU B 95 -12.86 12.13 -2.78
CA LEU B 95 -12.77 11.19 -3.90
C LEU B 95 -12.83 11.92 -5.23
N ARG B 96 -11.76 11.73 -6.02
CA ARG B 96 -11.61 12.32 -7.35
C ARG B 96 -11.87 11.28 -8.44
N THR B 97 -12.40 11.74 -9.59
CA THR B 97 -12.72 10.91 -10.75
C THR B 97 -11.94 11.36 -11.99
N LEU B 98 -11.25 10.39 -12.62
CA LEU B 98 -10.54 10.54 -13.88
C LEU B 98 -11.21 9.61 -14.90
N GLN B 99 -11.47 10.12 -16.10
CA GLN B 99 -12.12 9.35 -17.16
C GLN B 99 -11.17 9.17 -18.33
N ALA B 100 -11.24 8.03 -19.01
CA ALA B 100 -10.37 7.85 -20.16
C ALA B 100 -10.98 6.95 -21.18
N VAL B 101 -10.63 7.23 -22.45
CA VAL B 101 -11.10 6.60 -23.69
C VAL B 101 -9.85 6.16 -24.49
N THR B 102 -9.77 4.85 -24.85
CA THR B 102 -8.64 4.22 -25.52
C THR B 102 -9.05 3.58 -26.89
N PRO B 103 -8.10 3.23 -27.79
CA PRO B 103 -8.50 2.69 -29.11
C PRO B 103 -9.23 1.36 -29.07
N THR B 104 -8.86 0.42 -28.16
CA THR B 104 -9.45 -0.92 -28.06
C THR B 104 -10.04 -1.28 -26.67
N ASP B 105 -10.86 -2.33 -26.65
CA ASP B 105 -11.49 -2.87 -25.45
C ASP B 105 -10.61 -3.95 -24.85
N ASP B 106 -9.39 -4.10 -25.35
CA ASP B 106 -8.42 -5.07 -24.85
C ASP B 106 -7.67 -4.48 -23.62
N ILE B 107 -8.41 -4.30 -22.51
CA ILE B 107 -7.91 -3.70 -21.28
C ILE B 107 -7.98 -4.76 -20.19
N ARG B 108 -6.87 -4.87 -19.46
CA ARG B 108 -6.68 -5.84 -18.39
C ARG B 108 -6.27 -5.19 -17.07
N LEU B 109 -6.83 -5.69 -15.97
CA LEU B 109 -6.39 -5.35 -14.63
C LEU B 109 -5.09 -6.08 -14.46
N SER B 110 -4.00 -5.34 -14.44
CA SER B 110 -2.68 -5.94 -14.44
C SER B 110 -1.90 -5.58 -13.21
N ASN B 111 -0.83 -6.37 -12.95
CA ASN B 111 0.07 -6.18 -11.83
C ASN B 111 1.27 -5.27 -12.24
N GLY B 112 1.24 -4.04 -11.72
CA GLY B 112 2.25 -3.01 -11.97
C GLY B 112 3.68 -3.37 -11.62
N ARG B 113 3.88 -4.40 -10.77
CA ARG B 113 5.23 -4.80 -10.39
C ARG B 113 5.79 -5.79 -11.41
N GLN B 114 4.96 -6.31 -12.32
CA GLN B 114 5.36 -7.21 -13.40
C GLN B 114 5.41 -6.44 -14.74
N ASP B 115 5.98 -5.21 -14.73
CA ASP B 115 5.98 -4.32 -15.89
C ASP B 115 7.37 -4.14 -16.55
N LYS B 116 8.34 -5.07 -16.38
CA LYS B 116 9.65 -4.92 -17.02
C LYS B 116 9.49 -4.47 -18.54
N THR B 117 8.53 -5.10 -19.25
CA THR B 117 8.18 -4.83 -20.65
C THR B 117 6.64 -4.77 -20.81
N PRO B 118 6.11 -4.18 -21.91
CA PRO B 118 4.64 -4.18 -22.09
C PRO B 118 4.05 -5.60 -22.15
N LEU B 119 4.71 -6.54 -22.87
CA LEU B 119 4.23 -7.91 -23.01
C LEU B 119 4.22 -8.66 -21.68
N LEU B 120 5.15 -8.37 -20.76
CA LEU B 120 5.14 -9.03 -19.45
C LEU B 120 4.01 -8.49 -18.60
N LEU B 121 3.73 -7.15 -18.68
CA LEU B 121 2.65 -6.52 -17.89
C LEU B 121 1.30 -7.00 -18.33
N TYR B 122 1.10 -7.07 -19.63
CA TYR B 122 -0.16 -7.46 -20.23
C TYR B 122 -0.53 -8.90 -19.83
N GLU B 123 0.46 -9.81 -19.85
CA GLU B 123 0.26 -11.22 -19.51
C GLU B 123 0.50 -11.51 -18.01
N SER B 124 0.66 -10.44 -17.19
CA SER B 124 0.83 -10.51 -15.75
C SER B 124 -0.46 -10.98 -15.11
N GLY B 125 -0.31 -11.89 -14.16
CA GLY B 125 -1.43 -12.46 -13.43
C GLY B 125 -1.25 -12.62 -11.94
N LYS B 126 -0.11 -12.15 -11.37
CA LYS B 126 0.18 -12.26 -9.93
C LYS B 126 -0.77 -11.34 -9.12
N ARG B 127 -1.33 -11.94 -8.08
CA ARG B 127 -2.28 -11.41 -7.07
C ARG B 127 -1.90 -9.97 -6.62
N THR B 128 -2.86 -9.04 -6.69
CA THR B 128 -2.60 -7.65 -6.31
C THR B 128 -3.86 -6.96 -5.80
N ASP B 129 -3.70 -6.23 -4.67
CA ASP B 129 -4.77 -5.46 -4.02
C ASP B 129 -4.96 -4.09 -4.73
N ARG B 130 -3.89 -3.54 -5.34
CA ARG B 130 -3.95 -2.30 -6.08
C ARG B 130 -3.44 -2.56 -7.53
N PRO B 131 -4.32 -3.08 -8.43
CA PRO B 131 -3.88 -3.32 -9.82
C PRO B 131 -3.70 -2.03 -10.62
N VAL B 132 -3.05 -2.13 -11.77
CA VAL B 132 -2.90 -1.06 -12.73
C VAL B 132 -3.67 -1.54 -13.95
N LEU B 133 -3.93 -0.69 -14.93
CA LEU B 133 -4.59 -1.09 -16.17
C LEU B 133 -3.57 -1.19 -17.26
N ALA B 134 -3.65 -2.20 -18.11
CA ALA B 134 -2.75 -2.41 -19.26
C ALA B 134 -3.61 -2.63 -20.47
N GLY B 135 -3.21 -2.08 -21.61
CA GLY B 135 -3.99 -2.20 -22.84
C GLY B 135 -3.17 -2.60 -24.04
N ARG B 136 -3.78 -3.37 -24.96
CA ARG B 136 -3.16 -3.85 -26.21
C ARG B 136 -3.87 -3.25 -27.42
N CYS B 137 -3.13 -2.56 -28.30
CA CYS B 137 -3.69 -1.95 -29.51
C CYS B 137 -2.98 -2.50 -30.76
N PRO B 138 -3.54 -3.55 -31.39
CA PRO B 138 -2.92 -4.07 -32.62
C PRO B 138 -2.93 -2.99 -33.69
N LEU B 139 -1.75 -2.72 -34.27
CA LEU B 139 -1.57 -1.66 -35.24
C LEU B 139 -1.82 -2.11 -36.67
N ALA B 140 -2.18 -1.12 -37.50
CA ALA B 140 -2.45 -1.19 -38.92
C ALA B 140 -1.83 0.03 -39.61
N ALA B 141 -1.21 -0.18 -40.78
CA ALA B 141 -0.58 0.90 -41.54
C ALA B 141 -1.66 1.84 -42.08
N ASN B 142 -1.30 3.12 -42.25
CA ASN B 142 -2.15 4.22 -42.76
C ASN B 142 -3.47 4.31 -41.93
N SER B 143 -3.32 4.34 -40.59
CA SER B 143 -4.42 4.44 -39.64
C SER B 143 -4.04 5.36 -38.49
N LYS B 144 -5.06 5.91 -37.80
CA LYS B 144 -4.84 6.79 -36.66
C LYS B 144 -5.59 6.27 -35.41
N LEU B 145 -4.89 6.23 -34.27
CA LEU B 145 -5.46 5.79 -32.99
C LEU B 145 -5.56 6.97 -32.06
N TYR B 146 -6.58 6.98 -31.20
CA TYR B 146 -6.80 8.12 -30.30
C TYR B 146 -7.01 7.70 -28.82
N PHE B 147 -6.55 8.56 -27.93
CA PHE B 147 -6.64 8.47 -26.49
C PHE B 147 -7.19 9.75 -25.93
N CYS B 148 -7.93 9.65 -24.85
CA CYS B 148 -8.47 10.82 -24.22
C CYS B 148 -8.55 10.60 -22.76
N PHE B 149 -7.87 11.47 -21.99
CA PHE B 149 -7.88 11.51 -20.54
C PHE B 149 -8.53 12.81 -20.14
N TYR B 150 -9.63 12.75 -19.37
CA TYR B 150 -10.38 13.95 -18.98
C TYR B 150 -11.04 13.80 -17.60
N GLU B 151 -11.39 14.95 -16.99
CA GLU B 151 -12.11 15.05 -15.72
C GLU B 151 -13.56 15.46 -15.97
N GLN B 152 -14.51 14.86 -15.21
CA GLN B 152 -15.93 15.19 -15.36
C GLN B 152 -16.50 15.82 -14.10
N ASN B 153 -17.17 16.99 -14.27
CA ASN B 153 -17.84 17.73 -13.18
C ASN B 153 -19.11 16.95 -12.80
N ALA B 154 -19.04 16.18 -11.67
CA ALA B 154 -20.12 15.32 -11.19
C ALA B 154 -21.34 16.14 -10.72
N ARG B 155 -22.25 16.45 -11.67
CA ARG B 155 -23.47 17.23 -11.41
C ARG B 155 -24.53 16.32 -10.77
N ALA B 156 -24.76 16.50 -9.43
CA ALA B 156 -25.72 15.75 -8.64
C ALA B 156 -27.14 16.16 -8.99
N ASP B 157 -27.96 15.19 -9.45
CA ASP B 157 -29.34 15.38 -9.89
C ASP B 157 -30.27 15.91 -8.77
N TYR B 158 -29.95 15.65 -7.48
CA TYR B 158 -30.78 16.09 -6.35
C TYR B 158 -29.95 16.75 -5.24
N ASN B 159 -30.43 17.92 -4.75
CA ASN B 159 -29.86 18.71 -3.65
C ASN B 159 -30.86 18.67 -2.48
N TYR B 160 -30.44 18.90 -1.24
CA TYR B 160 -31.35 18.77 -0.12
C TYR B 160 -32.43 19.81 -0.14
N PHE B 161 -32.18 20.95 -0.73
CA PHE B 161 -33.17 22.01 -0.64
C PHE B 161 -34.29 21.89 -1.70
N LEU B 163 -35.63 18.73 -2.31
CA LEU B 163 -36.33 17.54 -1.82
C LEU B 163 -37.71 17.86 -1.20
N PRO B 164 -37.91 18.87 -0.30
CA PRO B 164 -39.25 19.08 0.26
C PRO B 164 -40.33 19.39 -0.77
N ASP B 165 -40.00 20.14 -1.83
CA ASP B 165 -40.97 20.50 -2.88
C ASP B 165 -41.26 19.30 -3.76
N LEU B 166 -40.21 18.56 -4.14
CA LEU B 166 -40.28 17.35 -4.96
C LEU B 166 -41.14 16.28 -4.27
N PHE B 167 -40.99 16.12 -2.94
CA PHE B 167 -41.77 15.17 -2.16
C PHE B 167 -43.25 15.53 -2.21
N ALA B 168 -43.58 16.84 -2.10
CA ALA B 168 -44.95 17.34 -2.15
C ALA B 168 -45.55 17.24 -3.57
N LYS B 169 -44.71 17.38 -4.60
CA LYS B 169 -45.07 17.34 -6.02
C LYS B 169 -45.52 15.92 -6.48
N ILE B 170 -44.84 14.84 -5.98
CA ILE B 170 -45.07 13.43 -6.35
C ILE B 170 -46.48 12.97 -5.88
N ALA C 2 29.01 -27.02 -11.05
CA ALA C 2 29.01 -27.16 -12.51
C ALA C 2 27.79 -26.41 -13.13
N GLN C 3 26.57 -26.77 -12.69
CA GLN C 3 25.29 -26.17 -13.11
C GLN C 3 24.96 -25.01 -12.15
N GLN C 4 24.41 -23.91 -12.68
CA GLN C 4 24.07 -22.68 -11.94
C GLN C 4 23.09 -22.93 -10.78
N LEU C 5 23.41 -22.39 -9.60
CA LEU C 5 22.57 -22.49 -8.43
C LEU C 5 21.93 -21.12 -8.16
N THR C 6 20.80 -21.13 -7.43
CA THR C 6 20.00 -19.93 -7.20
C THR C 6 20.06 -19.47 -5.71
N PRO C 7 20.00 -18.14 -5.41
CA PRO C 7 20.01 -17.70 -4.00
C PRO C 7 18.71 -18.09 -3.26
N PRO C 8 18.70 -18.11 -1.91
CA PRO C 8 17.47 -18.46 -1.17
C PRO C 8 16.25 -17.60 -1.57
N ALA C 9 16.52 -16.39 -2.13
CA ALA C 9 15.57 -15.42 -2.63
C ALA C 9 16.24 -14.46 -3.62
N GLY C 10 15.43 -13.85 -4.49
CA GLY C 10 15.91 -12.89 -5.47
C GLY C 10 16.61 -13.51 -6.66
N THR C 11 17.21 -12.66 -7.51
CA THR C 11 17.88 -13.13 -8.72
C THR C 11 19.28 -12.59 -8.76
N PHE C 12 20.27 -13.51 -8.86
CA PHE C 12 21.69 -13.20 -8.96
C PHE C 12 22.12 -13.41 -10.40
N ARG C 13 22.52 -12.32 -11.05
CA ARG C 13 22.87 -12.29 -12.46
C ARG C 13 24.35 -11.95 -12.61
N LEU C 14 25.03 -12.63 -13.56
CA LEU C 14 26.45 -12.44 -13.86
C LEU C 14 26.67 -11.84 -15.25
N GLY C 15 27.59 -10.90 -15.32
CA GLY C 15 27.93 -10.23 -16.57
C GLY C 15 29.43 -10.07 -16.70
N ILE C 16 29.88 -9.76 -17.90
CA ILE C 16 31.29 -9.56 -18.19
C ILE C 16 31.44 -8.34 -19.08
N SER C 17 32.64 -7.71 -19.05
CA SER C 17 32.95 -6.54 -19.87
C SER C 17 34.41 -6.55 -20.38
N LYS C 18 34.61 -6.12 -21.62
CA LYS C 18 35.94 -5.95 -22.24
C LYS C 18 35.94 -4.56 -22.85
N GLY C 19 36.64 -3.65 -22.17
CA GLY C 19 36.70 -2.25 -22.55
C GLY C 19 35.35 -1.60 -22.31
N THR C 20 34.77 -1.02 -23.39
CA THR C 20 33.47 -0.32 -23.35
C THR C 20 32.33 -1.28 -23.67
N ASP C 21 32.68 -2.52 -24.07
CA ASP C 21 31.71 -3.57 -24.41
C ASP C 21 31.43 -4.45 -23.21
N SER C 22 30.14 -4.74 -22.95
CA SER C 22 29.66 -5.60 -21.84
C SER C 22 28.31 -6.22 -22.15
N HIS C 23 28.02 -7.40 -21.53
CA HIS C 23 26.75 -8.10 -21.70
C HIS C 23 26.53 -9.06 -20.52
N TRP C 24 25.25 -9.36 -20.24
CA TRP C 24 24.89 -10.30 -19.19
C TRP C 24 25.04 -11.71 -19.73
N LEU C 25 25.67 -12.59 -18.93
CA LEU C 25 25.89 -13.97 -19.33
C LEU C 25 24.59 -14.73 -19.31
N ALA C 26 24.41 -15.62 -20.32
CA ALA C 26 23.25 -16.51 -20.44
C ALA C 26 23.41 -17.66 -19.42
N PRO C 27 22.32 -18.34 -18.98
CA PRO C 27 22.43 -19.37 -17.92
C PRO C 27 23.65 -20.29 -17.99
N GLN C 28 23.97 -20.93 -19.12
CA GLN C 28 25.16 -21.79 -19.10
C GLN C 28 26.15 -21.34 -20.20
N GLU C 29 26.21 -20.02 -20.44
CA GLU C 29 27.10 -19.38 -21.40
C GLU C 29 28.54 -19.58 -20.97
N LYS C 30 29.40 -20.03 -21.91
CA LYS C 30 30.82 -20.27 -21.63
C LYS C 30 31.65 -19.02 -21.98
N VAL C 31 32.68 -18.74 -21.16
CA VAL C 31 33.57 -17.59 -21.31
C VAL C 31 35.02 -18.08 -21.41
N LYS C 32 35.76 -17.51 -22.35
CA LYS C 32 37.16 -17.83 -22.59
C LYS C 32 38.01 -17.32 -21.43
N GLY C 33 38.64 -18.27 -20.74
CA GLY C 33 39.53 -18.03 -19.62
C GLY C 33 38.89 -17.95 -18.26
N ILE C 34 37.53 -17.96 -18.19
CA ILE C 34 36.79 -17.88 -16.93
C ILE C 34 35.85 -19.07 -16.81
N ALA C 35 35.95 -19.82 -15.69
CA ALA C 35 35.11 -20.98 -15.39
C ALA C 35 34.27 -20.76 -14.15
N PHE C 36 33.03 -21.29 -14.13
CA PHE C 36 32.10 -21.11 -13.02
C PHE C 36 31.70 -22.43 -12.39
N ARG C 37 32.14 -22.64 -11.15
CA ARG C 37 31.78 -23.84 -10.38
C ARG C 37 30.86 -23.41 -9.26
N TRP C 38 29.70 -24.09 -9.15
CA TRP C 38 28.68 -23.83 -8.12
C TRP C 38 28.57 -25.01 -7.19
N LYS C 39 28.57 -24.75 -5.88
CA LYS C 39 28.43 -25.79 -4.86
C LYS C 39 27.41 -25.35 -3.84
N ALA C 40 26.48 -26.25 -3.49
CA ALA C 40 25.42 -25.99 -2.52
C ALA C 40 25.99 -25.99 -1.13
N LEU C 41 25.43 -25.17 -0.23
CA LEU C 41 25.86 -25.11 1.17
C LEU C 41 25.21 -26.27 1.93
N PRO C 42 26.00 -27.10 2.64
CA PRO C 42 25.42 -28.27 3.31
C PRO C 42 24.62 -27.93 4.57
N ASP C 43 25.14 -26.98 5.39
CA ASP C 43 24.53 -26.61 6.68
C ASP C 43 23.24 -25.80 6.45
N THR C 44 23.39 -24.53 6.05
CA THR C 44 22.31 -23.59 5.80
C THR C 44 21.89 -23.62 4.32
N ARG C 45 20.78 -22.92 4.01
CA ARG C 45 20.27 -22.78 2.66
C ARG C 45 21.12 -21.74 1.94
N GLY C 46 21.69 -22.13 0.80
CA GLY C 46 22.54 -21.26 0.03
C GLY C 46 23.59 -21.95 -0.81
N PHE C 47 24.53 -21.16 -1.38
CA PHE C 47 25.58 -21.71 -2.25
C PHE C 47 26.87 -20.85 -2.23
N ILE C 48 27.96 -21.44 -2.77
CA ILE C 48 29.24 -20.79 -3.03
C ILE C 48 29.50 -20.93 -4.52
N LEU C 49 30.01 -19.87 -5.10
CA LEU C 49 30.37 -19.82 -6.50
C LEU C 49 31.85 -19.51 -6.56
N GLU C 50 32.55 -20.26 -7.39
CA GLU C 50 33.95 -20.04 -7.60
C GLU C 50 34.15 -19.62 -9.03
N VAL C 51 34.60 -18.40 -9.21
CA VAL C 51 34.92 -17.85 -10.52
C VAL C 51 36.43 -18.03 -10.66
N ALA C 52 36.83 -19.01 -11.49
CA ALA C 52 38.23 -19.36 -11.73
C ALA C 52 38.74 -18.61 -12.95
N VAL C 53 39.52 -17.56 -12.73
CA VAL C 53 40.04 -16.75 -13.83
C VAL C 53 41.43 -17.29 -14.20
N THR C 54 41.59 -17.61 -15.48
CA THR C 54 42.81 -18.13 -16.08
C THR C 54 43.36 -17.09 -17.04
N SER C 55 42.47 -16.53 -17.89
CA SER C 55 42.79 -15.56 -18.92
C SER C 55 41.80 -14.38 -18.94
N LEU C 56 42.29 -13.22 -19.38
CA LEU C 56 41.52 -11.99 -19.53
C LEU C 56 41.22 -11.71 -21.03
N GLN C 57 41.30 -12.75 -21.90
CA GLN C 57 41.16 -12.61 -23.36
C GLN C 57 39.71 -12.23 -23.75
N GLN C 58 38.69 -12.77 -23.06
CA GLN C 58 37.31 -12.43 -23.40
C GLN C 58 36.77 -11.32 -22.49
N ALA C 59 37.15 -11.33 -21.19
CA ALA C 59 36.67 -10.30 -20.25
C ALA C 59 37.75 -9.78 -19.35
N ASP C 60 37.76 -8.46 -19.12
CA ASP C 60 38.68 -7.75 -18.24
C ASP C 60 37.99 -7.48 -16.88
N THR C 61 36.66 -7.49 -16.86
CA THR C 61 35.91 -7.23 -15.63
C THR C 61 34.69 -8.16 -15.54
N LEU C 62 34.42 -8.66 -14.32
CA LEU C 62 33.22 -9.43 -13.98
C LEU C 62 32.22 -8.49 -13.33
N PHE C 63 30.95 -8.62 -13.71
CA PHE C 63 29.86 -7.84 -13.15
C PHE C 63 28.81 -8.75 -12.58
N TRP C 64 28.12 -8.26 -11.57
CA TRP C 64 27.06 -9.04 -10.99
C TRP C 64 25.96 -8.10 -10.58
N SER C 65 24.79 -8.67 -10.44
CA SER C 65 23.57 -7.98 -10.05
C SER C 65 22.77 -8.85 -9.08
N PHE C 66 22.15 -8.21 -8.09
CA PHE C 66 21.21 -8.85 -7.16
C PHE C 66 20.03 -7.91 -6.93
N GLY C 67 18.85 -8.42 -7.24
CA GLY C 67 17.58 -7.72 -7.08
C GLY C 67 16.47 -8.69 -6.78
N ASN C 68 15.50 -8.26 -5.94
CA ASN C 68 14.32 -9.07 -5.52
C ASN C 68 13.06 -8.68 -6.40
N CYS C 69 13.11 -9.16 -7.66
CA CYS C 69 12.12 -8.99 -8.75
C CYS C 69 10.79 -9.77 -8.45
N GLN C 70 10.57 -10.22 -7.20
CA GLN C 70 9.35 -10.92 -6.79
C GLN C 70 8.22 -9.88 -6.55
N PRO C 71 7.06 -10.01 -7.26
CA PRO C 71 5.97 -9.00 -7.13
C PRO C 71 5.07 -9.17 -5.88
N ASP C 72 5.41 -10.10 -4.94
CA ASP C 72 4.68 -10.29 -3.68
C ASP C 72 5.53 -9.73 -2.50
N ASP C 74 6.37 -6.81 -0.51
CA ASP C 74 5.93 -5.51 -0.01
C ASP C 74 7.16 -4.68 0.38
N ILE C 75 8.15 -5.35 1.01
CA ILE C 75 9.42 -4.79 1.46
C ILE C 75 10.60 -5.50 0.79
N ASN C 76 11.61 -4.70 0.42
CA ASN C 76 12.90 -5.08 -0.12
C ASN C 76 13.91 -3.94 0.13
N VAL C 77 14.80 -4.13 1.13
CA VAL C 77 15.81 -3.13 1.49
C VAL C 77 17.17 -3.80 1.57
N PHE C 78 18.22 -3.03 1.19
CA PHE C 78 19.60 -3.49 1.20
C PHE C 78 20.47 -2.73 2.18
N SER C 79 21.40 -3.46 2.78
CA SER C 79 22.45 -2.94 3.67
C SER C 79 23.76 -3.47 3.16
N VAL C 80 24.72 -2.59 2.86
CA VAL C 80 26.01 -3.01 2.31
C VAL C 80 27.11 -2.69 3.32
N GLU C 81 27.92 -3.71 3.63
CA GLU C 81 29.06 -3.59 4.52
C GLU C 81 30.31 -4.13 3.82
N GLY C 82 30.99 -3.23 3.13
CA GLY C 82 32.17 -3.55 2.35
C GLY C 82 31.78 -4.35 1.12
N GLN C 83 32.33 -5.58 1.06
CA GLN C 83 32.10 -6.54 -0.02
C GLN C 83 30.92 -7.47 0.30
N ALA C 84 30.29 -7.27 1.44
CA ALA C 84 29.13 -8.06 1.87
C ALA C 84 27.86 -7.21 1.87
N PHE C 85 26.72 -7.84 1.69
CA PHE C 85 25.47 -7.13 1.78
C PHE C 85 24.42 -8.01 2.47
N THR C 86 23.31 -7.37 2.87
CA THR C 86 22.18 -8.01 3.52
C THR C 86 20.94 -7.53 2.81
N CYS C 87 19.96 -8.43 2.67
CA CYS C 87 18.68 -8.11 2.05
C CYS C 87 17.58 -8.50 2.99
N TYR C 88 16.74 -7.53 3.34
CA TYR C 88 15.55 -7.69 4.19
C TYR C 88 14.34 -7.61 3.28
N TYR C 89 13.68 -8.74 3.11
CA TYR C 89 12.57 -8.87 2.17
C TYR C 89 11.35 -9.54 2.83
N GLY C 90 10.18 -9.40 2.20
CA GLY C 90 8.97 -10.06 2.65
C GLY C 90 7.74 -9.19 2.69
N GLU C 91 6.77 -9.65 3.49
CA GLU C 91 5.46 -9.03 3.71
C GLU C 91 5.62 -7.83 4.63
N SER C 92 4.60 -6.96 4.66
CA SER C 92 4.61 -5.70 5.42
C SER C 92 5.15 -5.81 6.89
N LYS C 94 6.38 -9.32 8.21
CA LYS C 94 7.14 -10.56 8.34
C LYS C 94 8.33 -10.43 7.40
N LEU C 95 9.55 -10.27 7.96
CA LEU C 95 10.72 -10.08 7.10
C LEU C 95 11.74 -11.19 7.25
N ARG C 96 12.20 -11.70 6.12
CA ARG C 96 13.26 -12.71 6.08
C ARG C 96 14.58 -12.00 5.74
N THR C 97 15.71 -12.64 6.04
CA THR C 97 17.04 -12.09 5.83
C THR C 97 17.87 -13.01 4.96
N LEU C 98 18.46 -12.43 3.89
CA LEU C 98 19.40 -13.06 2.96
C LEU C 98 20.72 -12.34 3.10
N GLN C 99 21.78 -13.12 3.23
CA GLN C 99 23.14 -12.60 3.39
C GLN C 99 24.01 -12.97 2.20
N ALA C 100 24.91 -12.08 1.77
CA ALA C 100 25.78 -12.37 0.65
C ALA C 100 27.20 -11.80 0.83
N VAL C 101 28.20 -12.56 0.28
CA VAL C 101 29.64 -12.24 0.32
C VAL C 101 30.17 -12.19 -1.12
N THR C 102 30.67 -11.03 -1.57
CA THR C 102 31.14 -10.84 -2.94
C THR C 102 32.68 -10.57 -3.00
N PRO C 103 33.34 -10.68 -4.18
CA PRO C 103 34.79 -10.45 -4.21
C PRO C 103 35.23 -9.01 -3.90
N THR C 104 34.44 -7.98 -4.26
CA THR C 104 34.83 -6.57 -4.06
C THR C 104 33.82 -5.74 -3.24
N ASP C 105 34.23 -4.52 -2.88
CA ASP C 105 33.42 -3.54 -2.16
C ASP C 105 32.83 -2.49 -3.14
N ASP C 106 33.00 -2.73 -4.46
CA ASP C 106 32.48 -1.87 -5.51
C ASP C 106 31.00 -2.24 -5.80
N ILE C 107 30.14 -1.94 -4.84
CA ILE C 107 28.71 -2.27 -4.91
C ILE C 107 27.94 -0.96 -4.91
N ARG C 108 26.96 -0.88 -5.82
CA ARG C 108 26.12 0.27 -6.04
C ARG C 108 24.63 -0.04 -6.04
N LEU C 109 23.83 0.92 -5.49
CA LEU C 109 22.38 0.91 -5.60
C LEU C 109 22.10 1.48 -6.95
N SER C 110 21.56 0.63 -7.83
CA SER C 110 21.33 0.88 -9.24
C SER C 110 19.84 0.75 -9.65
N ASN C 111 19.52 1.24 -10.85
CA ASN C 111 18.17 1.24 -11.42
C ASN C 111 17.96 0.03 -12.33
N GLY C 112 17.18 -0.93 -11.84
CA GLY C 112 16.84 -2.15 -12.56
C GLY C 112 16.29 -1.98 -13.98
N ARG C 113 15.57 -0.89 -14.21
CA ARG C 113 15.02 -0.59 -15.54
C ARG C 113 16.12 -0.34 -16.58
N GLN C 114 17.32 0.09 -16.11
CA GLN C 114 18.48 0.46 -16.95
C GLN C 114 19.52 -0.63 -16.96
N ASP C 115 19.08 -1.89 -17.16
CA ASP C 115 19.98 -3.05 -17.13
C ASP C 115 20.23 -3.71 -18.51
N LYS C 116 20.04 -3.00 -19.63
CA LYS C 116 20.29 -3.58 -20.96
C LYS C 116 21.67 -4.34 -20.95
N THR C 117 22.70 -3.72 -20.33
CA THR C 117 24.06 -4.26 -20.19
C THR C 117 24.60 -4.06 -18.75
N PRO C 118 25.65 -4.79 -18.30
CA PRO C 118 26.23 -4.55 -16.97
C PRO C 118 26.76 -3.12 -16.82
N LEU C 119 27.49 -2.61 -17.85
CA LEU C 119 28.04 -1.25 -17.85
C LEU C 119 26.92 -0.17 -17.73
N LEU C 120 25.72 -0.37 -18.35
CA LEU C 120 24.63 0.61 -18.22
C LEU C 120 24.00 0.55 -16.81
N LEU C 121 23.85 -0.66 -16.22
CA LEU C 121 23.25 -0.82 -14.90
C LEU C 121 24.14 -0.20 -13.85
N TYR C 122 25.45 -0.47 -13.92
CA TYR C 122 26.46 0.00 -12.96
C TYR C 122 26.49 1.54 -12.90
N GLU C 123 26.42 2.20 -14.06
CA GLU C 123 26.45 3.65 -14.13
C GLU C 123 25.02 4.29 -14.19
N SER C 124 23.96 3.54 -13.82
CA SER C 124 22.58 4.06 -13.91
C SER C 124 22.17 4.97 -12.73
N GLY C 125 22.52 4.60 -11.50
CA GLY C 125 22.15 5.42 -10.36
C GLY C 125 21.05 4.91 -9.45
N LYS C 126 20.98 5.56 -8.29
CA LYS C 126 20.13 5.34 -7.11
C LYS C 126 18.66 5.73 -7.32
N ARG C 127 18.36 6.81 -8.09
CA ARG C 127 16.99 7.35 -8.33
C ARG C 127 16.16 6.34 -9.14
N THR C 128 15.27 5.54 -8.47
CA THR C 128 14.51 4.46 -9.14
C THR C 128 13.34 3.83 -8.32
N ASP C 129 12.40 3.21 -9.08
CA ASP C 129 11.28 2.45 -8.57
C ASP C 129 11.60 0.92 -8.55
N ARG C 130 12.72 0.50 -9.23
CA ARG C 130 13.24 -0.87 -9.34
C ARG C 130 14.71 -0.92 -8.76
N PRO C 131 14.91 -0.77 -7.43
CA PRO C 131 16.26 -0.78 -6.88
C PRO C 131 16.87 -2.18 -6.89
N VAL C 132 18.13 -2.24 -7.39
CA VAL C 132 18.91 -3.46 -7.48
C VAL C 132 20.33 -3.13 -7.14
N LEU C 133 21.11 -4.17 -6.81
CA LEU C 133 22.52 -4.06 -6.51
C LEU C 133 23.33 -4.44 -7.71
N ALA C 134 24.30 -3.64 -8.03
CA ALA C 134 25.23 -3.95 -9.12
C ALA C 134 26.61 -3.90 -8.56
N GLY C 135 27.46 -4.83 -8.99
CA GLY C 135 28.83 -4.92 -8.49
C GLY C 135 29.84 -5.05 -9.61
N ARG C 136 31.03 -4.46 -9.43
CA ARG C 136 32.12 -4.47 -10.39
C ARG C 136 33.31 -5.25 -9.79
N CYS C 137 33.81 -6.29 -10.49
CA CYS C 137 34.96 -7.10 -10.04
C CYS C 137 36.06 -7.09 -11.09
N PRO C 138 37.03 -6.11 -11.02
CA PRO C 138 38.13 -6.10 -12.00
C PRO C 138 38.94 -7.40 -11.90
N LEU C 139 39.13 -8.07 -13.05
CA LEU C 139 39.74 -9.39 -13.12
C LEU C 139 41.27 -9.35 -13.28
N ALA C 140 41.89 -10.45 -12.84
CA ALA C 140 43.33 -10.77 -12.85
C ALA C 140 43.51 -12.23 -13.25
N ALA C 141 44.49 -12.50 -14.12
CA ALA C 141 44.78 -13.86 -14.58
C ALA C 141 45.36 -14.69 -13.41
N ASN C 142 45.09 -16.00 -13.44
CA ASN C 142 45.51 -17.01 -12.47
C ASN C 142 45.07 -16.60 -11.03
N SER C 143 43.78 -16.26 -10.90
CA SER C 143 43.15 -15.86 -9.64
C SER C 143 41.76 -16.48 -9.53
N LYS C 144 41.27 -16.64 -8.29
CA LYS C 144 39.94 -17.19 -8.05
C LYS C 144 39.09 -16.19 -7.21
N LEU C 145 37.85 -15.95 -7.67
CA LEU C 145 36.91 -15.07 -6.99
C LEU C 145 35.79 -15.90 -6.41
N TYR C 146 35.22 -15.47 -5.28
CA TYR C 146 34.16 -16.24 -4.64
C TYR C 146 32.94 -15.39 -4.27
N PHE C 147 31.79 -16.03 -4.32
CA PHE C 147 30.48 -15.51 -3.96
C PHE C 147 29.80 -16.44 -3.00
N CYS C 148 29.04 -15.89 -2.05
CA CYS C 148 28.26 -16.70 -1.12
C CYS C 148 26.94 -16.06 -0.82
N PHE C 149 25.88 -16.78 -1.09
CA PHE C 149 24.52 -16.41 -0.76
C PHE C 149 24.03 -17.39 0.26
N TYR C 150 23.62 -16.91 1.45
CA TYR C 150 23.18 -17.78 2.53
C TYR C 150 22.13 -17.13 3.40
N GLU C 151 21.38 -17.96 4.16
CA GLU C 151 20.38 -17.56 5.14
C GLU C 151 20.92 -17.75 6.56
N GLN C 152 20.61 -16.78 7.45
CA GLN C 152 21.04 -16.84 8.85
C GLN C 152 19.84 -16.99 9.80
N ASN C 153 19.95 -18.00 10.71
CA ASN C 153 18.98 -18.32 11.75
C ASN C 153 19.00 -17.18 12.79
N ALA C 154 17.98 -16.31 12.75
CA ALA C 154 17.85 -15.09 13.56
C ALA C 154 17.72 -15.42 15.08
N ARG C 155 18.88 -15.57 15.75
CA ARG C 155 18.93 -15.88 17.18
C ARG C 155 18.78 -14.60 18.00
N ALA C 156 17.59 -14.39 18.58
CA ALA C 156 17.25 -13.24 19.43
C ALA C 156 17.93 -13.39 20.80
N ASP C 157 18.79 -12.42 21.15
CA ASP C 157 19.56 -12.38 22.40
C ASP C 157 18.66 -12.35 23.68
N TYR C 158 17.43 -11.79 23.59
CA TYR C 158 16.51 -11.70 24.72
C TYR C 158 15.08 -12.12 24.36
N ASN C 159 14.44 -12.90 25.24
CA ASN C 159 13.05 -13.31 25.13
C ASN C 159 12.32 -12.86 26.39
N TYR C 160 10.99 -12.90 26.39
CA TYR C 160 10.19 -12.43 27.50
C TYR C 160 10.38 -13.26 28.78
N PHE C 161 10.78 -14.54 28.64
CA PHE C 161 10.99 -15.46 29.75
C PHE C 161 12.15 -15.05 30.65
N LEU C 163 13.46 -11.95 30.92
CA LEU C 163 13.38 -10.54 31.32
C LEU C 163 13.17 -10.34 32.84
N PRO C 164 12.23 -11.05 33.55
CA PRO C 164 12.06 -10.79 35.00
C PRO C 164 13.31 -11.04 35.83
N ASP C 165 14.10 -12.09 35.52
CA ASP C 165 15.31 -12.43 36.28
C ASP C 165 16.42 -11.41 36.00
N LEU C 166 16.62 -11.09 34.72
CA LEU C 166 17.60 -10.11 34.25
C LEU C 166 17.35 -8.73 34.86
N PHE C 167 16.07 -8.32 34.96
CA PHE C 167 15.71 -7.03 35.55
C PHE C 167 16.12 -7.02 37.03
N ALA C 168 15.88 -8.14 37.75
CA ALA C 168 16.22 -8.28 39.17
C ALA C 168 17.73 -8.35 39.39
N LYS C 169 18.46 -8.92 38.42
CA LYS C 169 19.91 -9.11 38.46
C LYS C 169 20.69 -7.78 38.34
N ILE C 170 20.22 -6.83 37.50
CA ILE C 170 20.86 -5.54 37.21
C ILE C 170 20.88 -4.66 38.47
N ALA D 2 13.86 4.06 37.65
CA ALA D 2 13.09 5.15 38.26
C ALA D 2 12.70 6.22 37.23
N GLN D 3 13.72 6.81 36.56
CA GLN D 3 13.60 7.82 35.50
C GLN D 3 13.52 7.11 34.15
N GLN D 4 12.66 7.61 33.23
CA GLN D 4 12.44 7.04 31.90
C GLN D 4 13.73 6.96 31.04
N LEU D 5 13.94 5.80 30.44
CA LEU D 5 15.08 5.55 29.57
C LEU D 5 14.60 5.50 28.13
N THR D 6 15.52 5.76 27.19
CA THR D 6 15.17 5.85 25.76
C THR D 6 15.74 4.64 24.95
N PRO D 7 15.05 4.17 23.87
CA PRO D 7 15.61 3.07 23.07
C PRO D 7 16.87 3.50 22.30
N PRO D 8 17.73 2.55 21.84
CA PRO D 8 18.93 2.94 21.06
C PRO D 8 18.63 3.86 19.86
N ALA D 9 17.37 3.81 19.37
CA ALA D 9 16.82 4.61 18.29
C ALA D 9 15.29 4.66 18.38
N GLY D 10 14.72 5.70 17.80
CA GLY D 10 13.26 5.86 17.78
C GLY D 10 12.65 6.37 19.06
N THR D 11 11.31 6.38 19.11
CA THR D 11 10.56 6.89 20.24
C THR D 11 9.57 5.85 20.74
N PHE D 12 9.71 5.49 22.03
CA PHE D 12 8.84 4.52 22.70
C PHE D 12 7.95 5.31 23.64
N ARG D 13 6.66 5.25 23.37
CA ARG D 13 5.62 5.99 24.08
C ARG D 13 4.66 5.04 24.79
N LEU D 14 4.28 5.39 26.03
CA LEU D 14 3.38 4.61 26.87
C LEU D 14 2.05 5.32 27.07
N GLY D 15 0.98 4.55 27.00
CA GLY D 15 -0.37 5.07 27.18
C GLY D 15 -1.19 4.12 28.03
N ILE D 16 -2.31 4.61 28.52
CA ILE D 16 -3.23 3.82 29.35
C ILE D 16 -4.64 4.09 28.91
N SER D 17 -5.52 3.12 29.12
CA SER D 17 -6.92 3.25 28.80
C SER D 17 -7.75 2.62 29.93
N LYS D 18 -8.97 3.10 30.09
CA LYS D 18 -9.96 2.65 31.03
C LYS D 18 -11.28 2.77 30.28
N GLY D 19 -11.71 1.67 29.68
CA GLY D 19 -12.93 1.61 28.88
C GLY D 19 -12.77 2.23 27.51
N THR D 20 -13.49 3.36 27.28
CA THR D 20 -13.44 4.11 26.00
C THR D 20 -12.50 5.31 26.13
N ASP D 21 -12.05 5.59 27.37
CA ASP D 21 -11.12 6.68 27.67
C ASP D 21 -9.70 6.16 27.64
N SER D 22 -8.80 6.94 27.01
CA SER D 22 -7.37 6.63 26.89
C SER D 22 -6.55 7.88 26.61
N HIS D 23 -5.30 7.91 27.06
CA HIS D 23 -4.40 9.04 26.82
C HIS D 23 -2.95 8.56 26.93
N TRP D 24 -2.04 9.29 26.26
CA TRP D 24 -0.61 8.98 26.33
C TRP D 24 -0.03 9.58 27.60
N LEU D 25 0.76 8.78 28.32
CA LEU D 25 1.37 9.21 29.57
C LEU D 25 2.44 10.23 29.33
N ALA D 26 2.49 11.25 30.21
CA ALA D 26 3.50 12.31 30.20
C ALA D 26 4.83 11.74 30.73
N PRO D 27 6.01 12.30 30.37
CA PRO D 27 7.30 11.68 30.76
C PRO D 27 7.37 11.11 32.18
N GLN D 28 6.98 11.84 33.24
CA GLN D 28 7.08 11.21 34.57
C GLN D 28 5.69 11.20 35.25
N GLU D 29 4.63 11.01 34.44
CA GLU D 29 3.25 10.96 34.88
C GLU D 29 3.03 9.75 35.77
N LYS D 30 2.39 9.95 36.93
CA LYS D 30 2.11 8.90 37.89
C LYS D 30 0.72 8.30 37.62
N VAL D 31 0.61 6.96 37.77
CA VAL D 31 -0.64 6.23 37.56
C VAL D 31 -1.00 5.47 38.84
N LYS D 32 -2.29 5.50 39.22
CA LYS D 32 -2.81 4.79 40.37
C LYS D 32 -2.79 3.29 40.12
N GLY D 33 -2.01 2.61 40.94
CA GLY D 33 -1.85 1.16 40.92
C GLY D 33 -0.79 0.62 39.99
N ILE D 34 -0.16 1.48 39.17
CA ILE D 34 0.85 1.05 38.19
C ILE D 34 2.14 1.87 38.39
N ALA D 35 3.28 1.16 38.55
CA ALA D 35 4.61 1.77 38.74
C ALA D 35 5.54 1.40 37.59
N PHE D 36 6.44 2.32 37.19
CA PHE D 36 7.37 2.10 36.07
C PHE D 36 8.82 2.21 36.50
N ARG D 37 9.54 1.08 36.50
CA ARG D 37 10.96 1.05 36.84
C ARG D 37 11.75 0.75 35.58
N TRP D 38 12.76 1.60 35.30
CA TRP D 38 13.63 1.51 34.13
C TRP D 38 15.05 1.19 34.54
N LYS D 39 15.67 0.19 33.90
CA LYS D 39 17.05 -0.19 34.18
C LYS D 39 17.81 -0.34 32.88
N ALA D 40 19.00 0.29 32.79
CA ALA D 40 19.86 0.24 31.61
C ALA D 40 20.50 -1.12 31.47
N LEU D 41 20.71 -1.57 30.23
CA LEU D 41 21.34 -2.85 29.96
C LEU D 41 22.87 -2.70 30.09
N PRO D 42 23.53 -3.53 30.92
CA PRO D 42 24.98 -3.37 31.12
C PRO D 42 25.84 -3.86 29.95
N ASP D 43 25.45 -5.00 29.32
CA ASP D 43 26.20 -5.64 28.23
C ASP D 43 26.07 -4.83 26.95
N THR D 44 24.89 -4.91 26.30
CA THR D 44 24.59 -4.22 25.05
C THR D 44 23.90 -2.86 25.34
N ARG D 45 23.69 -2.08 24.28
CA ARG D 45 23.00 -0.80 24.34
C ARG D 45 21.49 -1.07 24.42
N GLY D 46 20.84 -0.54 25.43
CA GLY D 46 19.41 -0.73 25.62
C GLY D 46 18.93 -0.66 27.05
N PHE D 47 17.66 -1.06 27.30
CA PHE D 47 17.06 -1.04 28.63
C PHE D 47 15.96 -2.10 28.82
N ILE D 48 15.57 -2.31 30.08
CA ILE D 48 14.42 -3.12 30.49
C ILE D 48 13.51 -2.22 31.29
N LEU D 49 12.21 -2.30 31.00
CA LEU D 49 11.18 -1.59 31.73
C LEU D 49 10.31 -2.63 32.43
N GLU D 50 10.01 -2.37 33.70
CA GLU D 50 9.12 -3.21 34.49
C GLU D 50 7.89 -2.41 34.86
N VAL D 51 6.75 -2.84 34.34
CA VAL D 51 5.47 -2.25 34.63
C VAL D 51 4.87 -3.11 35.73
N ALA D 52 4.87 -2.59 36.97
CA ALA D 52 4.37 -3.27 38.17
C ALA D 52 2.92 -2.89 38.42
N VAL D 53 2.01 -3.81 38.07
CA VAL D 53 0.57 -3.55 38.22
C VAL D 53 0.12 -4.11 39.58
N THR D 54 -0.52 -3.24 40.37
CA THR D 54 -1.04 -3.52 41.71
C THR D 54 -2.56 -3.44 41.64
N SER D 55 -3.08 -2.39 41.01
CA SER D 55 -4.49 -2.08 40.88
C SER D 55 -4.87 -1.64 39.44
N LEU D 56 -6.14 -1.90 39.08
CA LEU D 56 -6.73 -1.54 37.79
C LEU D 56 -7.72 -0.36 37.98
N GLN D 57 -7.58 0.43 39.09
CA GLN D 57 -8.49 1.53 39.41
C GLN D 57 -8.39 2.71 38.42
N GLN D 58 -7.17 3.01 37.90
CA GLN D 58 -7.01 4.12 36.96
C GLN D 58 -7.00 3.60 35.51
N ALA D 59 -6.41 2.42 35.25
CA ALA D 59 -6.35 1.88 33.88
C ALA D 59 -6.63 0.38 33.82
N ASP D 60 -7.49 -0.03 32.86
CA ASP D 60 -7.84 -1.44 32.64
C ASP D 60 -6.89 -2.07 31.61
N THR D 61 -6.09 -1.23 30.88
CA THR D 61 -5.20 -1.64 29.80
C THR D 61 -4.02 -0.64 29.60
N LEU D 62 -2.82 -1.19 29.24
CA LEU D 62 -1.58 -0.47 28.90
C LEU D 62 -1.39 -0.47 27.39
N PHE D 63 -1.01 0.67 26.85
CA PHE D 63 -0.75 0.84 25.43
C PHE D 63 0.64 1.34 25.22
N TRP D 64 1.22 0.99 24.08
CA TRP D 64 2.56 1.45 23.77
C TRP D 64 2.62 1.66 22.30
N SER D 65 3.56 2.51 21.90
CA SER D 65 3.82 2.86 20.54
C SER D 65 5.33 2.97 20.31
N PHE D 66 5.79 2.50 19.15
CA PHE D 66 7.18 2.64 18.77
C PHE D 66 7.25 3.08 17.33
N GLY D 67 8.13 4.02 17.03
CA GLY D 67 8.36 4.54 15.69
C GLY D 67 9.67 5.28 15.55
N ASN D 68 10.25 5.27 14.32
CA ASN D 68 11.49 5.95 13.95
C ASN D 68 11.11 7.23 13.21
N CYS D 69 11.11 8.34 13.95
CA CYS D 69 10.64 9.67 13.53
C CYS D 69 11.77 10.55 12.97
N GLN D 70 12.99 10.00 12.78
CA GLN D 70 14.16 10.76 12.34
C GLN D 70 14.06 11.16 10.86
N PRO D 71 14.26 12.48 10.57
CA PRO D 71 14.16 13.00 9.19
C PRO D 71 15.45 12.81 8.37
N ASP D 72 16.49 12.18 8.98
CA ASP D 72 17.77 11.86 8.35
C ASP D 72 17.68 10.45 7.73
N ASP D 74 16.31 7.24 5.57
CA ASP D 74 15.89 6.90 4.21
C ASP D 74 14.99 5.67 4.30
N ILE D 75 15.39 4.71 5.17
CA ILE D 75 14.72 3.43 5.41
C ILE D 75 14.28 3.30 6.87
N ASN D 76 13.08 2.70 7.05
CA ASN D 76 12.43 2.31 8.29
C ASN D 76 11.41 1.20 8.01
N VAL D 77 11.75 -0.06 8.37
CA VAL D 77 10.87 -1.22 8.18
C VAL D 77 10.78 -2.02 9.47
N PHE D 78 9.59 -2.60 9.72
CA PHE D 78 9.35 -3.41 10.92
C PHE D 78 9.07 -4.85 10.56
N SER D 79 9.54 -5.76 11.42
CA SER D 79 9.30 -7.20 11.38
C SER D 79 8.79 -7.62 12.76
N VAL D 80 7.61 -8.24 12.84
CA VAL D 80 7.02 -8.64 14.10
C VAL D 80 6.93 -10.15 14.15
N GLU D 81 7.43 -10.73 15.26
CA GLU D 81 7.38 -12.15 15.54
C GLU D 81 6.82 -12.38 16.94
N GLY D 82 5.51 -12.52 16.99
CA GLY D 82 4.75 -12.69 18.22
C GLY D 82 4.72 -11.40 18.99
N GLN D 83 5.26 -11.43 20.21
CA GLN D 83 5.36 -10.28 21.12
C GLN D 83 6.68 -9.51 20.93
N ALA D 84 7.52 -9.95 19.97
CA ALA D 84 8.80 -9.33 19.67
C ALA D 84 8.79 -8.68 18.31
N PHE D 85 9.58 -7.61 18.16
CA PHE D 85 9.69 -6.98 16.86
C PHE D 85 11.15 -6.55 16.59
N THR D 86 11.43 -6.24 15.33
CA THR D 86 12.74 -5.80 14.85
C THR D 86 12.50 -4.57 13.99
N CYS D 87 13.44 -3.63 14.08
CA CYS D 87 13.38 -2.40 13.29
C CYS D 87 14.69 -2.25 12.54
N TYR D 88 14.59 -2.15 11.20
CA TYR D 88 15.69 -1.92 10.27
C TYR D 88 15.59 -0.49 9.80
N TYR D 89 16.53 0.33 10.28
CA TYR D 89 16.52 1.76 10.02
C TYR D 89 17.91 2.26 9.54
N GLY D 90 17.93 3.43 8.93
CA GLY D 90 19.18 4.04 8.48
C GLY D 90 19.12 4.67 7.10
N GLU D 91 20.29 4.78 6.48
CA GLU D 91 20.47 5.39 5.17
C GLU D 91 20.55 4.31 4.11
N SER D 92 20.14 4.67 2.87
CA SER D 92 20.05 3.87 1.64
C SER D 92 20.76 2.47 1.70
N LYS D 94 23.23 1.55 4.29
CA LYS D 94 23.79 1.19 5.59
C LYS D 94 22.65 1.16 6.63
N LEU D 95 22.28 -0.05 7.10
CA LEU D 95 21.16 -0.18 8.04
C LEU D 95 21.54 -0.75 9.38
N ARG D 96 21.03 -0.11 10.45
CA ARG D 96 21.22 -0.58 11.83
C ARG D 96 19.99 -1.40 12.21
N THR D 97 20.11 -2.22 13.26
CA THR D 97 19.05 -3.08 13.72
C THR D 97 18.79 -2.80 15.19
N LEU D 98 17.49 -2.59 15.52
CA LEU D 98 16.98 -2.43 16.89
C LEU D 98 16.03 -3.60 17.14
N GLN D 99 16.18 -4.23 18.28
CA GLN D 99 15.33 -5.36 18.67
C GLN D 99 14.49 -5.02 19.89
N ALA D 100 13.26 -5.55 19.95
CA ALA D 100 12.40 -5.26 21.09
C ALA D 100 11.54 -6.44 21.50
N VAL D 101 11.22 -6.50 22.80
CA VAL D 101 10.38 -7.55 23.43
C VAL D 101 9.31 -6.83 24.23
N THR D 102 8.02 -7.22 23.99
CA THR D 102 6.85 -6.60 24.62
C THR D 102 5.99 -7.64 25.35
N PRO D 103 5.08 -7.24 26.27
CA PRO D 103 4.30 -8.24 27.01
C PRO D 103 3.32 -9.11 26.17
N THR D 104 2.64 -8.53 25.17
CA THR D 104 1.65 -9.24 24.34
C THR D 104 2.05 -9.26 22.85
N ASP D 105 1.34 -10.11 22.04
CA ASP D 105 1.49 -10.26 20.60
C ASP D 105 0.48 -9.39 19.86
N ASP D 106 -0.25 -8.53 20.61
CA ASP D 106 -1.25 -7.63 20.06
C ASP D 106 -0.57 -6.36 19.52
N ILE D 107 0.19 -6.53 18.43
CA ILE D 107 0.96 -5.46 17.80
C ILE D 107 0.41 -5.23 16.40
N ARG D 108 0.18 -3.95 16.08
CA ARG D 108 -0.39 -3.49 14.83
C ARG D 108 0.42 -2.41 14.14
N LEU D 109 0.37 -2.41 12.79
CA LEU D 109 0.98 -1.40 11.95
C LEU D 109 -0.07 -0.31 11.82
N SER D 110 0.22 0.84 12.47
CA SER D 110 -0.68 1.97 12.59
C SER D 110 -0.18 3.21 11.89
N ASN D 111 -1.07 4.21 11.83
CA ASN D 111 -0.86 5.51 11.22
C ASN D 111 -0.51 6.53 12.29
N GLY D 112 0.78 6.92 12.35
CA GLY D 112 1.31 7.90 13.27
C GLY D 112 0.54 9.21 13.34
N ARG D 113 -0.02 9.68 12.20
CA ARG D 113 -0.79 10.94 12.15
C ARG D 113 -2.06 10.88 13.01
N GLN D 114 -2.57 9.65 13.25
CA GLN D 114 -3.81 9.38 13.98
C GLN D 114 -3.51 8.90 15.40
N ASP D 115 -2.60 9.61 16.11
CA ASP D 115 -2.19 9.22 17.45
C ASP D 115 -2.68 10.16 18.57
N LYS D 116 -3.76 10.96 18.35
CA LYS D 116 -4.27 11.86 19.41
C LYS D 116 -4.34 11.09 20.77
N THR D 117 -4.82 9.82 20.76
CA THR D 117 -4.95 8.94 21.92
C THR D 117 -4.45 7.52 21.57
N PRO D 118 -4.13 6.65 22.57
CA PRO D 118 -3.73 5.27 22.27
C PRO D 118 -4.82 4.50 21.49
N LEU D 119 -6.10 4.64 21.89
CA LEU D 119 -7.22 3.95 21.22
C LEU D 119 -7.40 4.40 19.77
N LEU D 120 -7.12 5.67 19.43
CA LEU D 120 -7.25 6.11 18.03
C LEU D 120 -6.11 5.54 17.16
N LEU D 121 -4.87 5.53 17.69
CA LEU D 121 -3.70 5.01 16.99
C LEU D 121 -3.85 3.50 16.75
N TYR D 122 -4.28 2.73 17.78
CA TYR D 122 -4.42 1.27 17.74
C TYR D 122 -5.44 0.85 16.65
N GLU D 123 -6.56 1.58 16.55
CA GLU D 123 -7.61 1.28 15.57
C GLU D 123 -7.46 2.08 14.24
N SER D 124 -6.29 2.68 13.96
CA SER D 124 -6.05 3.50 12.78
C SER D 124 -5.65 2.66 11.55
N GLY D 125 -4.85 1.61 11.72
CA GLY D 125 -4.44 0.76 10.60
C GLY D 125 -3.36 1.28 9.65
N LYS D 126 -3.04 0.41 8.68
CA LYS D 126 -1.94 0.34 7.70
C LYS D 126 -1.73 1.51 6.70
N ARG D 127 -2.79 2.06 6.06
CA ARG D 127 -2.60 3.09 4.99
C ARG D 127 -2.02 4.39 5.56
N THR D 128 -0.68 4.62 5.39
CA THR D 128 -0.05 5.83 5.96
C THR D 128 1.36 6.16 5.38
N ASP D 129 1.77 7.46 5.54
CA ASP D 129 3.08 8.02 5.20
C ASP D 129 3.98 8.00 6.44
N ARG D 130 3.36 7.90 7.65
CA ARG D 130 4.08 7.85 8.93
C ARG D 130 3.79 6.49 9.65
N PRO D 131 4.36 5.34 9.19
CA PRO D 131 4.04 4.03 9.82
C PRO D 131 4.73 3.84 11.15
N VAL D 132 3.94 3.40 12.16
CA VAL D 132 4.40 3.15 13.54
C VAL D 132 3.75 1.87 14.07
N LEU D 133 4.31 1.33 15.14
CA LEU D 133 3.81 0.13 15.81
C LEU D 133 3.07 0.49 17.06
N ALA D 134 1.86 0.01 17.19
CA ALA D 134 1.05 0.24 18.37
C ALA D 134 0.75 -1.11 18.99
N GLY D 135 0.76 -1.18 20.32
CA GLY D 135 0.51 -2.41 21.05
C GLY D 135 -0.49 -2.26 22.16
N ARG D 136 -1.28 -3.32 22.41
CA ARG D 136 -2.33 -3.38 23.44
C ARG D 136 -1.96 -4.42 24.49
N CYS D 137 -1.88 -4.03 25.79
CA CYS D 137 -1.54 -4.92 26.89
C CYS D 137 -2.65 -4.90 27.94
N PRO D 138 -3.65 -5.82 27.84
CA PRO D 138 -4.71 -5.88 28.87
C PRO D 138 -4.09 -6.19 30.24
N LEU D 139 -4.40 -5.34 31.24
CA LEU D 139 -3.80 -5.43 32.56
C LEU D 139 -4.54 -6.35 33.52
N ALA D 140 -3.78 -6.86 34.51
CA ALA D 140 -4.21 -7.74 35.60
C ALA D 140 -3.56 -7.27 36.90
N ALA D 141 -4.35 -7.26 38.01
CA ALA D 141 -3.84 -6.83 39.31
C ALA D 141 -2.83 -7.86 39.83
N ASN D 142 -1.87 -7.37 40.63
CA ASN D 142 -0.77 -8.12 41.26
C ASN D 142 0.02 -8.94 40.19
N SER D 143 0.44 -8.24 39.12
CA SER D 143 1.20 -8.81 38.00
C SER D 143 2.26 -7.82 37.54
N LYS D 144 3.32 -8.33 36.87
CA LYS D 144 4.39 -7.49 36.34
C LYS D 144 4.57 -7.74 34.82
N LEU D 145 4.66 -6.64 34.04
CA LEU D 145 4.86 -6.68 32.60
C LEU D 145 6.23 -6.16 32.29
N TYR D 146 6.87 -6.69 31.22
CA TYR D 146 8.23 -6.27 30.88
C TYR D 146 8.37 -5.89 29.39
N PHE D 147 9.28 -4.94 29.16
CA PHE D 147 9.71 -4.43 27.88
C PHE D 147 11.22 -4.43 27.79
N CYS D 148 11.77 -4.74 26.63
CA CYS D 148 13.21 -4.71 26.45
C CYS D 148 13.52 -4.25 25.05
N PHE D 149 14.25 -3.13 24.97
CA PHE D 149 14.77 -2.54 23.74
C PHE D 149 16.28 -2.74 23.76
N TYR D 150 16.83 -3.42 22.75
CA TYR D 150 18.26 -3.70 22.71
C TYR D 150 18.80 -3.77 21.27
N GLU D 151 20.13 -3.62 21.13
CA GLU D 151 20.87 -3.72 19.88
C GLU D 151 21.62 -5.05 19.82
N GLN D 152 21.65 -5.68 18.63
CA GLN D 152 22.34 -6.94 18.43
C GLN D 152 23.53 -6.78 17.47
N ASN D 153 24.72 -7.22 17.93
CA ASN D 153 25.97 -7.20 17.15
C ASN D 153 25.86 -8.29 16.06
N ALA D 154 25.60 -7.85 14.81
CA ALA D 154 25.38 -8.71 13.65
C ALA D 154 26.64 -9.54 13.27
N ARG D 155 26.80 -10.71 13.92
CA ARG D 155 27.93 -11.63 13.65
C ARG D 155 27.61 -12.50 12.41
N ALA D 156 28.25 -12.15 11.26
CA ALA D 156 28.08 -12.83 9.98
C ALA D 156 28.75 -14.21 9.99
N ASP D 157 27.94 -15.25 9.72
CA ASP D 157 28.35 -16.65 9.71
C ASP D 157 29.45 -16.96 8.65
N TYR D 158 29.58 -16.17 7.56
CA TYR D 158 30.57 -16.39 6.51
C TYR D 158 31.27 -15.10 6.08
N ASN D 159 32.59 -15.15 5.91
CA ASN D 159 33.40 -14.04 5.39
C ASN D 159 34.15 -14.51 4.15
N TYR D 160 34.73 -13.60 3.39
CA TYR D 160 35.42 -13.92 2.14
C TYR D 160 36.66 -14.81 2.36
N PHE D 161 37.30 -14.72 3.53
CA PHE D 161 38.49 -15.51 3.87
C PHE D 161 38.23 -16.98 3.93
N LEU D 163 35.62 -18.69 2.45
CA LEU D 163 34.99 -19.20 1.23
C LEU D 163 35.90 -20.17 0.40
N PRO D 164 37.21 -19.90 0.08
CA PRO D 164 37.97 -20.87 -0.74
C PRO D 164 38.12 -22.26 -0.11
N ASP D 165 38.28 -22.35 1.21
CA ASP D 165 38.43 -23.63 1.92
C ASP D 165 37.10 -24.36 1.97
N LEU D 166 36.03 -23.64 2.33
CA LEU D 166 34.67 -24.15 2.42
C LEU D 166 34.20 -24.71 1.07
N PHE D 167 34.53 -24.01 -0.04
CA PHE D 167 34.19 -24.47 -1.39
C PHE D 167 34.88 -25.81 -1.68
N ALA D 168 36.15 -25.96 -1.28
CA ALA D 168 36.94 -27.19 -1.48
C ALA D 168 36.47 -28.33 -0.57
N LYS D 169 35.96 -27.98 0.62
CA LYS D 169 35.47 -28.90 1.63
C LYS D 169 34.15 -29.61 1.23
N ILE D 170 33.22 -28.88 0.55
CA ILE D 170 31.90 -29.38 0.14
C ILE D 170 32.03 -30.50 -0.90
#